data_1APZ
#
_entry.id   1APZ
#
_cell.length_a   98.400
_cell.length_b   98.400
_cell.length_c   134.200
_cell.angle_alpha   90.00
_cell.angle_beta   90.00
_cell.angle_gamma   120.00
#
_symmetry.space_group_name_H-M   'P 61'
#
loop_
_entity.id
_entity.type
_entity.pdbx_description
1 polymer ASPARTYLGLUCOSAMINIDASE
2 polymer ASPARTYLGLUCOSAMINIDASE
3 branched beta-D-mannopyranose-(1-4)-2-acetamido-2-deoxy-beta-D-glucopyranose-(1-4)-2-acetamido-2-deoxy-beta-D-glucopyranose
4 non-polymer 2-acetamido-2-deoxy-beta-D-glucopyranose
5 non-polymer 'ASPARTIC ACID'
6 water water
#
loop_
_entity_poly.entity_id
_entity_poly.type
_entity_poly.pdbx_seq_one_letter_code
_entity_poly.pdbx_strand_id
1 'polypeptide(L)'
;SSPLPLVVNTWPFKNATEAAWRALASGGSALDAVESGCAMCEREQCDGSVGFGGSPDELGETTLDAMIMDGTTMDVGAVG
DLRRIKNAIGVARKVLEHTTHTLLVGESATTFAQSMGFINEDLSTSASQALHSDWLARNCQPNYWRNVIPDPSKYCGPYK
PP
;
A,C
2 'polypeptide(L)'
;TIGMVVIHKTGHIAAGTSTNGIKFKIHGRVGDSPIPGAGAYADDTAGAAAATGNGDILMRFLPSYQAVEYMRRGEDPTIA
CQKVISRIQKHFPEFFGAVICANVTGSYGAACNKLSTFTQFSFMVYNSEKNQPTEEKVDCI
;
B,D
#
loop_
_chem_comp.id
_chem_comp.type
_chem_comp.name
_chem_comp.formula
BMA D-saccharide, beta linking beta-D-mannopyranose 'C6 H12 O6'
NAG D-saccharide, beta linking 2-acetamido-2-deoxy-beta-D-glucopyranose 'C8 H15 N O6'
#
# COMPACT_ATOMS: atom_id res chain seq x y z
N SER A 2 27.59 -5.02 -13.49
CA SER A 2 27.92 -5.84 -14.70
C SER A 2 28.01 -7.37 -14.46
N PRO A 3 28.64 -7.81 -13.35
CA PRO A 3 28.71 -9.27 -13.14
C PRO A 3 27.43 -9.78 -12.48
N LEU A 4 26.80 -10.77 -13.12
CA LEU A 4 25.59 -11.41 -12.62
C LEU A 4 25.87 -12.87 -12.26
N PRO A 5 25.05 -13.48 -11.37
CA PRO A 5 23.91 -12.87 -10.69
C PRO A 5 24.30 -11.84 -9.62
N LEU A 6 23.31 -11.25 -8.96
CA LEU A 6 23.55 -10.23 -7.96
C LEU A 6 22.53 -10.27 -6.84
N VAL A 7 23.01 -9.99 -5.63
CA VAL A 7 22.19 -9.96 -4.43
C VAL A 7 22.54 -8.67 -3.68
N VAL A 8 21.54 -7.96 -3.19
CA VAL A 8 21.79 -6.72 -2.44
C VAL A 8 20.75 -6.63 -1.33
N ASN A 9 21.19 -6.53 -0.08
CA ASN A 9 20.24 -6.39 0.99
C ASN A 9 20.59 -5.21 1.88
N THR A 10 19.61 -4.69 2.59
CA THR A 10 19.83 -3.55 3.46
C THR A 10 20.49 -4.03 4.74
N TRP A 11 21.30 -3.17 5.34
CA TRP A 11 21.97 -3.46 6.59
C TRP A 11 22.96 -4.61 6.43
N PRO A 12 23.95 -4.70 7.33
CA PRO A 12 25.01 -5.71 7.33
C PRO A 12 24.59 -7.16 7.68
N PHE A 13 23.50 -7.63 7.09
CA PHE A 13 23.03 -8.99 7.33
C PHE A 13 23.75 -9.97 6.40
N LYS A 14 24.95 -10.43 6.76
CA LYS A 14 25.68 -11.37 5.89
C LYS A 14 25.01 -12.72 5.77
N ASN A 15 24.61 -13.31 6.90
CA ASN A 15 23.97 -14.62 6.88
C ASN A 15 22.78 -14.71 5.90
N ALA A 16 22.11 -13.58 5.67
CA ALA A 16 20.98 -13.53 4.76
C ALA A 16 21.48 -13.47 3.32
N THR A 17 22.47 -12.62 3.09
CA THR A 17 23.05 -12.46 1.76
C THR A 17 23.46 -13.80 1.22
N GLU A 18 24.17 -14.55 2.04
CA GLU A 18 24.63 -15.86 1.62
C GLU A 18 23.52 -16.90 1.55
N ALA A 19 22.48 -16.76 2.37
CA ALA A 19 21.37 -17.72 2.31
C ALA A 19 20.69 -17.53 0.95
N ALA A 20 20.79 -16.31 0.42
CA ALA A 20 20.22 -15.97 -0.87
C ALA A 20 21.11 -16.49 -1.99
N TRP A 21 22.43 -16.37 -1.81
CA TRP A 21 23.39 -16.83 -2.82
C TRP A 21 23.29 -18.35 -2.93
N ARG A 22 23.26 -19.05 -1.80
CA ARG A 22 23.13 -20.51 -1.81
C ARG A 22 21.91 -20.91 -2.65
N ALA A 23 20.85 -20.13 -2.54
CA ALA A 23 19.62 -20.35 -3.28
C ALA A 23 19.88 -20.26 -4.78
N LEU A 24 20.71 -19.30 -5.17
CA LEU A 24 21.08 -19.10 -6.57
C LEU A 24 22.04 -20.22 -6.97
N ALA A 25 22.97 -20.54 -6.07
CA ALA A 25 23.96 -21.59 -6.29
C ALA A 25 23.30 -22.89 -6.77
N SER A 26 22.24 -23.31 -6.08
CA SER A 26 21.51 -24.51 -6.45
C SER A 26 20.58 -24.27 -7.65
N GLY A 27 20.83 -23.21 -8.40
CA GLY A 27 20.01 -22.89 -9.54
C GLY A 27 18.59 -22.61 -9.08
N GLY A 28 18.45 -21.77 -8.06
CA GLY A 28 17.13 -21.42 -7.59
C GLY A 28 16.70 -20.16 -8.35
N SER A 29 15.41 -19.82 -8.31
CA SER A 29 14.94 -18.61 -9.00
C SER A 29 15.29 -17.40 -8.14
N ALA A 30 15.23 -16.22 -8.74
CA ALA A 30 15.53 -15.00 -8.01
C ALA A 30 14.54 -14.92 -6.84
N LEU A 31 13.29 -15.24 -7.14
CA LEU A 31 12.22 -15.23 -6.15
C LEU A 31 12.57 -16.17 -5.01
N ASP A 32 13.09 -17.34 -5.35
CA ASP A 32 13.49 -18.32 -4.35
C ASP A 32 14.58 -17.71 -3.47
N ALA A 33 15.50 -17.00 -4.09
CA ALA A 33 16.61 -16.38 -3.39
C ALA A 33 16.15 -15.27 -2.47
N VAL A 34 15.15 -14.51 -2.91
CA VAL A 34 14.61 -13.40 -2.12
C VAL A 34 13.81 -13.91 -0.92
N GLU A 35 13.19 -15.07 -1.05
CA GLU A 35 12.43 -15.64 0.04
C GLU A 35 13.39 -16.23 1.08
N SER A 36 14.43 -16.91 0.62
CA SER A 36 15.40 -17.56 1.52
C SER A 36 16.20 -16.54 2.33
N GLY A 37 16.61 -15.47 1.70
CA GLY A 37 17.39 -14.46 2.39
C GLY A 37 16.57 -13.77 3.45
N CYS A 38 15.41 -13.27 3.05
CA CYS A 38 14.51 -12.56 3.97
C CYS A 38 14.08 -13.43 5.14
N ALA A 39 13.68 -14.66 4.84
CA ALA A 39 13.22 -15.60 5.87
C ALA A 39 14.34 -15.97 6.84
N MET A 40 15.58 -15.89 6.37
CA MET A 40 16.72 -16.21 7.21
C MET A 40 16.80 -15.17 8.33
N CYS A 41 16.48 -13.92 8.03
CA CYS A 41 16.50 -12.87 9.04
C CYS A 41 15.30 -12.98 9.97
N GLU A 42 14.30 -13.76 9.57
CA GLU A 42 13.14 -13.97 10.42
C GLU A 42 13.59 -14.86 11.57
N ARG A 43 14.34 -15.91 11.26
CA ARG A 43 14.83 -16.83 12.27
C ARG A 43 15.79 -16.12 13.21
N GLU A 44 16.68 -15.33 12.62
CA GLU A 44 17.71 -14.58 13.36
C GLU A 44 17.20 -13.29 14.00
N GLN A 45 15.98 -12.91 13.64
CA GLN A 45 15.39 -11.69 14.16
C GLN A 45 16.45 -10.60 13.98
N CYS A 46 16.88 -10.42 12.75
CA CYS A 46 17.91 -9.44 12.42
C CYS A 46 17.71 -8.07 13.05
N ASP A 47 18.59 -7.75 14.00
CA ASP A 47 18.57 -6.47 14.72
C ASP A 47 17.26 -6.27 15.46
N GLY A 48 16.51 -7.35 15.62
CA GLY A 48 15.22 -7.27 16.27
C GLY A 48 14.24 -6.48 15.43
N SER A 49 14.60 -6.21 14.17
CA SER A 49 13.74 -5.45 13.26
C SER A 49 13.06 -6.34 12.23
N VAL A 50 13.38 -7.62 12.28
CA VAL A 50 12.83 -8.60 11.35
C VAL A 50 12.43 -9.79 12.21
N GLY A 51 11.33 -10.44 11.85
CA GLY A 51 10.91 -11.59 12.59
C GLY A 51 10.21 -11.31 13.91
N PHE A 52 9.83 -12.38 14.58
CA PHE A 52 9.12 -12.34 15.85
C PHE A 52 10.00 -11.83 17.00
N GLY A 53 9.39 -11.79 18.20
CA GLY A 53 10.08 -11.39 19.41
C GLY A 53 10.78 -10.06 19.40
N GLY A 54 10.13 -9.05 18.83
CA GLY A 54 10.71 -7.72 18.78
C GLY A 54 9.69 -6.72 18.29
N SER A 55 10.01 -5.43 18.40
CA SER A 55 9.14 -4.35 17.97
C SER A 55 7.67 -4.61 18.27
N PRO A 56 7.29 -4.59 19.57
CA PRO A 56 5.91 -4.81 19.99
C PRO A 56 5.04 -3.57 19.84
N ASP A 57 3.79 -3.77 19.42
CA ASP A 57 2.88 -2.65 19.27
C ASP A 57 2.46 -2.15 20.64
N GLU A 58 1.56 -1.18 20.67
CA GLU A 58 1.10 -0.64 21.93
C GLU A 58 0.50 -1.70 22.85
N LEU A 59 -0.12 -2.74 22.29
CA LEU A 59 -0.71 -3.79 23.12
C LEU A 59 0.28 -4.89 23.47
N GLY A 60 1.52 -4.75 23.01
CA GLY A 60 2.54 -5.75 23.29
C GLY A 60 2.68 -6.88 22.27
N GLU A 61 1.83 -6.88 21.25
CA GLU A 61 1.87 -7.91 20.22
C GLU A 61 2.85 -7.57 19.11
N THR A 62 3.35 -8.60 18.44
CA THR A 62 4.27 -8.41 17.33
C THR A 62 3.51 -8.76 16.09
N THR A 63 3.51 -7.85 15.12
CA THR A 63 2.80 -8.05 13.86
C THR A 63 3.79 -7.86 12.73
N LEU A 64 3.77 -8.77 11.75
CA LEU A 64 4.71 -8.76 10.63
C LEU A 64 4.21 -8.34 9.26
N ASP A 65 5.05 -7.59 8.54
CA ASP A 65 4.73 -7.13 7.18
C ASP A 65 5.80 -7.75 6.31
N ALA A 66 5.49 -8.05 5.07
CA ALA A 66 6.45 -8.67 4.19
C ALA A 66 5.89 -8.80 2.79
N MET A 67 6.74 -8.62 1.80
CA MET A 67 6.33 -8.71 0.41
C MET A 67 7.42 -9.35 -0.45
N ILE A 68 7.05 -9.71 -1.66
CA ILE A 68 7.98 -10.29 -2.61
C ILE A 68 7.39 -9.94 -3.96
N MET A 69 8.23 -9.48 -4.89
CA MET A 69 7.74 -9.11 -6.21
C MET A 69 8.46 -9.81 -7.35
N ASP A 70 7.65 -10.47 -8.16
CA ASP A 70 8.09 -11.20 -9.35
C ASP A 70 8.34 -10.13 -10.40
N GLY A 71 9.62 -9.88 -10.69
CA GLY A 71 9.97 -8.86 -11.67
C GLY A 71 9.58 -9.18 -13.09
N THR A 72 9.42 -10.46 -13.41
CA THR A 72 9.05 -10.83 -14.76
C THR A 72 7.58 -10.48 -15.05
N THR A 73 6.67 -11.03 -14.26
CA THR A 73 5.24 -10.78 -14.45
C THR A 73 4.73 -9.56 -13.71
N MET A 74 5.52 -9.13 -12.73
CA MET A 74 5.21 -7.98 -11.87
C MET A 74 4.07 -8.32 -10.92
N ASP A 75 4.12 -9.55 -10.43
CA ASP A 75 3.15 -10.08 -9.49
C ASP A 75 3.70 -9.89 -8.09
N VAL A 76 2.80 -9.57 -7.16
CA VAL A 76 3.16 -9.32 -5.78
C VAL A 76 2.47 -10.23 -4.79
N GLY A 77 3.20 -10.62 -3.75
CA GLY A 77 2.68 -11.44 -2.69
C GLY A 77 2.97 -10.63 -1.45
N ALA A 78 1.93 -10.17 -0.75
CA ALA A 78 2.15 -9.34 0.43
C ALA A 78 1.27 -9.59 1.65
N VAL A 79 1.87 -9.46 2.83
CA VAL A 79 1.17 -9.59 4.10
C VAL A 79 1.41 -8.32 4.89
N GLY A 80 0.36 -7.83 5.50
CA GLY A 80 0.46 -6.65 6.33
C GLY A 80 -0.26 -7.07 7.59
N ASP A 81 0.31 -6.78 8.74
CA ASP A 81 -0.33 -7.12 10.01
C ASP A 81 -0.56 -8.63 10.15
N LEU A 82 0.44 -9.46 9.83
CA LEU A 82 0.29 -10.90 9.97
C LEU A 82 0.42 -11.24 11.44
N ARG A 83 -0.63 -11.85 11.99
CA ARG A 83 -0.68 -12.21 13.39
C ARG A 83 -0.49 -13.71 13.65
N ARG A 84 0.29 -14.02 14.68
CA ARG A 84 0.59 -15.39 15.10
C ARG A 84 1.19 -16.34 14.05
N ILE A 85 1.95 -15.79 13.11
CA ILE A 85 2.61 -16.58 12.07
C ILE A 85 4.04 -16.03 11.92
N LYS A 86 5.03 -16.91 12.05
CA LYS A 86 6.43 -16.50 11.97
C LYS A 86 7.00 -16.23 10.59
N ASN A 87 6.91 -17.20 9.68
CA ASN A 87 7.44 -17.08 8.33
C ASN A 87 6.62 -16.12 7.49
N ALA A 88 6.75 -14.84 7.79
CA ALA A 88 6.02 -13.76 7.12
C ALA A 88 6.16 -13.72 5.60
N ILE A 89 7.41 -13.71 5.12
CA ILE A 89 7.67 -13.67 3.68
C ILE A 89 7.24 -15.02 3.07
N GLY A 90 7.25 -16.06 3.89
CA GLY A 90 6.84 -17.37 3.42
C GLY A 90 5.38 -17.29 3.02
N VAL A 91 4.57 -16.65 3.86
CA VAL A 91 3.15 -16.45 3.63
C VAL A 91 2.96 -15.53 2.42
N ALA A 92 3.87 -14.57 2.25
CA ALA A 92 3.83 -13.65 1.11
C ALA A 92 4.00 -14.40 -0.22
N ARG A 93 4.94 -15.36 -0.33
CA ARG A 93 5.12 -16.11 -1.58
C ARG A 93 3.83 -16.87 -1.88
N LYS A 94 3.16 -17.31 -0.81
CA LYS A 94 1.92 -18.05 -0.93
C LYS A 94 0.76 -17.21 -1.48
N VAL A 95 0.80 -15.90 -1.29
CA VAL A 95 -0.25 -15.01 -1.82
C VAL A 95 0.06 -14.79 -3.29
N LEU A 96 1.34 -14.71 -3.63
CA LEU A 96 1.75 -14.52 -5.02
C LEU A 96 1.38 -15.78 -5.79
N GLU A 97 1.86 -16.92 -5.29
CA GLU A 97 1.66 -18.23 -5.89
C GLU A 97 0.26 -18.84 -5.87
N HIS A 98 -0.57 -18.47 -4.90
CA HIS A 98 -1.90 -19.09 -4.79
C HIS A 98 -3.18 -18.28 -4.88
N THR A 99 -3.05 -16.97 -5.04
CA THR A 99 -4.23 -16.12 -5.19
C THR A 99 -3.92 -15.09 -6.26
N THR A 100 -4.95 -14.49 -6.83
CA THR A 100 -4.75 -13.47 -7.84
C THR A 100 -4.67 -12.11 -7.17
N HIS A 101 -4.58 -12.12 -5.84
CA HIS A 101 -4.49 -10.90 -5.04
C HIS A 101 -3.06 -10.42 -4.84
N THR A 102 -2.92 -9.29 -4.16
CA THR A 102 -1.63 -8.69 -3.87
C THR A 102 -1.34 -8.65 -2.37
N LEU A 103 -2.30 -8.16 -1.58
CA LEU A 103 -2.15 -8.00 -0.14
C LEU A 103 -3.31 -8.52 0.73
N LEU A 104 -2.98 -9.30 1.75
CA LEU A 104 -3.94 -9.83 2.71
C LEU A 104 -3.42 -9.39 4.05
N VAL A 105 -4.31 -8.97 4.95
CA VAL A 105 -3.87 -8.48 6.25
C VAL A 105 -4.58 -9.03 7.49
N GLY A 106 -3.94 -8.86 8.65
CA GLY A 106 -4.50 -9.27 9.93
C GLY A 106 -4.70 -10.71 10.31
N GLU A 107 -5.68 -10.93 11.18
CA GLU A 107 -6.02 -12.27 11.64
C GLU A 107 -6.61 -13.10 10.51
N SER A 108 -7.04 -12.40 9.44
CA SER A 108 -7.59 -13.03 8.24
C SER A 108 -6.45 -13.69 7.43
N ALA A 109 -5.30 -13.02 7.42
CA ALA A 109 -4.10 -13.48 6.74
C ALA A 109 -3.50 -14.66 7.50
N THR A 110 -3.88 -14.79 8.78
CA THR A 110 -3.44 -15.88 9.67
C THR A 110 -4.19 -17.14 9.23
N THR A 111 -5.50 -17.00 9.02
CA THR A 111 -6.34 -18.10 8.57
C THR A 111 -5.92 -18.58 7.17
N PHE A 112 -5.41 -17.67 6.34
CA PHE A 112 -4.96 -18.06 5.01
C PHE A 112 -3.63 -18.81 5.17
N ALA A 113 -2.76 -18.25 5.98
CA ALA A 113 -1.46 -18.83 6.25
C ALA A 113 -1.62 -20.25 6.78
N GLN A 114 -2.60 -20.45 7.68
CA GLN A 114 -2.84 -21.76 8.29
C GLN A 114 -3.25 -22.80 7.28
N SER A 115 -4.03 -22.39 6.28
CA SER A 115 -4.46 -23.29 5.23
C SER A 115 -3.22 -23.66 4.42
N MET A 116 -2.35 -22.67 4.21
CA MET A 116 -1.14 -22.90 3.45
C MET A 116 -0.15 -23.79 4.21
N GLY A 117 -0.57 -24.20 5.41
CA GLY A 117 0.24 -25.09 6.23
C GLY A 117 1.18 -24.43 7.21
N PHE A 118 1.01 -23.13 7.42
CA PHE A 118 1.85 -22.38 8.35
C PHE A 118 1.31 -22.59 9.75
N ILE A 119 2.25 -22.79 10.68
CA ILE A 119 1.95 -23.04 12.09
C ILE A 119 1.62 -21.79 12.87
N ASN A 120 0.41 -21.74 13.42
CA ASN A 120 -0.04 -20.61 14.22
C ASN A 120 0.68 -20.68 15.53
N GLU A 121 1.34 -19.59 15.89
CA GLU A 121 2.05 -19.56 17.15
C GLU A 121 2.31 -18.15 17.62
N ASP A 122 2.33 -17.97 18.93
CA ASP A 122 2.59 -16.68 19.54
C ASP A 122 3.97 -16.16 19.11
N LEU A 123 4.03 -14.89 18.74
CA LEU A 123 5.27 -14.29 18.30
C LEU A 123 5.99 -13.53 19.42
N SER A 124 5.53 -13.71 20.65
CA SER A 124 6.11 -13.03 21.82
C SER A 124 7.21 -13.82 22.49
N THR A 125 8.13 -13.09 23.12
CA THR A 125 9.22 -13.68 23.87
C THR A 125 9.27 -12.84 25.14
N SER A 126 9.92 -13.37 26.16
CA SER A 126 10.06 -12.63 27.40
C SER A 126 10.70 -11.26 27.11
N ALA A 127 11.65 -11.27 26.19
CA ALA A 127 12.37 -10.06 25.79
C ALA A 127 11.45 -9.03 25.17
N SER A 128 10.58 -9.48 24.26
CA SER A 128 9.66 -8.59 23.58
C SER A 128 8.78 -7.92 24.62
N GLN A 129 8.33 -8.69 25.61
CA GLN A 129 7.49 -8.13 26.66
C GLN A 129 8.23 -7.24 27.62
N ALA A 130 9.49 -7.59 27.92
CA ALA A 130 10.32 -6.79 28.82
C ALA A 130 10.40 -5.37 28.27
N LEU A 131 10.47 -5.29 26.95
CA LEU A 131 10.53 -4.04 26.24
C LEU A 131 9.21 -3.30 26.42
N HIS A 132 8.11 -4.06 26.32
CA HIS A 132 6.77 -3.48 26.46
C HIS A 132 6.50 -2.90 27.84
N SER A 133 6.96 -3.59 28.89
CA SER A 133 6.75 -3.12 30.25
C SER A 133 7.52 -1.85 30.61
N ASP A 134 8.79 -1.76 30.19
CA ASP A 134 9.62 -0.59 30.47
C ASP A 134 9.04 0.64 29.80
N TRP A 135 8.40 0.41 28.66
CA TRP A 135 7.75 1.46 27.87
C TRP A 135 6.57 1.96 28.68
N LEU A 136 5.75 1.04 29.17
CA LEU A 136 4.61 1.38 29.98
C LEU A 136 5.08 2.23 31.16
N ALA A 137 6.23 1.86 31.70
CA ALA A 137 6.84 2.55 32.85
C ALA A 137 7.41 3.92 32.49
N ARG A 138 7.61 4.15 31.20
CA ARG A 138 8.11 5.43 30.73
C ARG A 138 6.95 6.28 30.20
N ASN A 139 5.73 5.88 30.56
CA ASN A 139 4.49 6.55 30.14
C ASN A 139 4.24 6.49 28.65
N CYS A 140 4.56 5.34 28.08
CA CYS A 140 4.37 5.10 26.67
C CYS A 140 5.03 6.16 25.80
N GLN A 141 6.29 6.43 26.11
CA GLN A 141 7.06 7.37 25.35
C GLN A 141 8.24 6.64 24.69
N PRO A 142 8.36 6.74 23.37
CA PRO A 142 7.47 7.49 22.50
C PRO A 142 6.22 6.71 22.12
N ASN A 143 5.35 7.36 21.37
CA ASN A 143 4.11 6.77 20.85
C ASN A 143 3.69 7.56 19.60
N TYR A 144 2.63 7.12 18.92
CA TYR A 144 2.25 7.78 17.68
C TYR A 144 0.95 8.52 17.59
N TRP A 145 0.44 8.96 18.74
CA TRP A 145 -0.80 9.69 18.79
C TRP A 145 -0.58 11.20 18.81
N ARG A 146 -1.63 11.95 18.49
CA ARG A 146 -1.59 13.41 18.52
C ARG A 146 -3.01 13.93 18.50
N ASN A 147 -3.26 14.98 19.28
CA ASN A 147 -4.57 15.61 19.38
C ASN A 147 -5.57 14.65 19.98
N VAL A 148 -5.27 14.19 21.20
CA VAL A 148 -6.16 13.26 21.91
C VAL A 148 -5.89 13.48 23.38
N ILE A 149 -6.89 13.20 24.22
CA ILE A 149 -6.72 13.33 25.66
C ILE A 149 -6.65 11.89 26.14
N PRO A 150 -5.79 11.60 27.13
CA PRO A 150 -4.86 12.50 27.82
C PRO A 150 -3.68 12.82 26.93
N ASP A 151 -2.95 13.88 27.25
CA ASP A 151 -1.79 14.30 26.44
C ASP A 151 -0.90 13.11 26.07
N PRO A 152 -0.75 12.84 24.77
CA PRO A 152 0.06 11.75 24.22
C PRO A 152 1.55 11.85 24.56
N SER A 153 2.03 13.07 24.80
CA SER A 153 3.44 13.25 25.14
C SER A 153 3.73 13.02 26.60
N LYS A 154 2.69 12.83 27.41
CA LYS A 154 2.92 12.62 28.84
C LYS A 154 2.25 11.39 29.42
N TYR A 155 1.13 10.96 28.85
CA TYR A 155 0.42 9.81 29.41
C TYR A 155 0.16 8.68 28.45
N CYS A 156 -0.06 7.50 29.03
CA CYS A 156 -0.38 6.30 28.26
C CYS A 156 -1.89 6.32 28.07
N GLY A 157 -2.37 5.66 27.01
CA GLY A 157 -3.81 5.63 26.75
C GLY A 157 -4.58 4.72 27.70
N PRO A 158 -5.82 4.35 27.34
CA PRO A 158 -6.62 4.67 26.14
C PRO A 158 -7.02 6.12 25.99
N TYR A 159 -6.72 6.68 24.82
CA TYR A 159 -7.01 8.08 24.49
C TYR A 159 -8.35 8.28 23.80
N LYS A 160 -8.88 9.49 23.92
CA LYS A 160 -10.16 9.89 23.30
C LYS A 160 -9.85 11.15 22.54
N PRO A 161 -10.61 11.44 21.46
CA PRO A 161 -10.35 12.65 20.70
C PRO A 161 -10.67 13.85 21.63
N PRO A 162 -10.05 15.01 21.38
CA PRO A 162 -10.35 16.15 22.26
C PRO A 162 -11.82 16.53 22.22
N THR B 1 14.16 -3.86 9.22
CA THR B 1 13.70 -4.47 7.94
C THR B 1 14.89 -4.89 7.09
N ILE B 2 14.68 -5.93 6.31
CA ILE B 2 15.69 -6.41 5.39
C ILE B 2 15.10 -6.23 3.99
N GLY B 3 15.66 -5.27 3.27
CA GLY B 3 15.22 -5.01 1.92
C GLY B 3 16.18 -5.84 1.09
N MET B 4 15.67 -6.63 0.16
CA MET B 4 16.56 -7.46 -0.63
C MET B 4 16.18 -7.46 -2.09
N VAL B 5 17.21 -7.29 -2.92
CA VAL B 5 17.07 -7.24 -4.35
C VAL B 5 17.95 -8.32 -4.97
N VAL B 6 17.38 -9.07 -5.91
CA VAL B 6 18.10 -10.14 -6.56
C VAL B 6 17.93 -10.16 -8.07
N ILE B 7 19.05 -10.26 -8.79
CA ILE B 7 18.99 -10.36 -10.23
C ILE B 7 19.71 -11.68 -10.57
N HIS B 8 18.94 -12.63 -11.08
CA HIS B 8 19.36 -13.97 -11.48
C HIS B 8 20.29 -13.77 -12.67
N LYS B 9 20.91 -14.85 -13.14
CA LYS B 9 21.77 -14.69 -14.31
C LYS B 9 20.89 -14.52 -15.53
N THR B 10 19.77 -15.27 -15.61
CA THR B 10 18.90 -15.13 -16.77
C THR B 10 18.58 -13.67 -17.01
N GLY B 11 18.65 -12.87 -15.95
CA GLY B 11 18.39 -11.44 -16.03
C GLY B 11 17.05 -11.08 -15.41
N HIS B 12 16.41 -12.09 -14.80
CA HIS B 12 15.13 -11.94 -14.14
C HIS B 12 15.35 -11.35 -12.75
N ILE B 13 14.52 -10.39 -12.40
CA ILE B 13 14.65 -9.69 -11.12
C ILE B 13 13.58 -10.04 -10.08
N ALA B 14 13.97 -9.91 -8.82
CA ALA B 14 13.08 -10.16 -7.70
C ALA B 14 13.46 -9.16 -6.60
N ALA B 15 12.52 -8.90 -5.69
CA ALA B 15 12.75 -7.96 -4.60
C ALA B 15 11.86 -8.38 -3.44
N GLY B 16 12.18 -7.93 -2.24
CA GLY B 16 11.36 -8.31 -1.11
C GLY B 16 11.82 -7.73 0.19
N THR B 17 10.94 -7.73 1.18
CA THR B 17 11.25 -7.21 2.51
C THR B 17 10.50 -8.03 3.53
N SER B 18 10.90 -7.90 4.78
CA SER B 18 10.26 -8.58 5.89
C SER B 18 10.61 -7.74 7.09
N THR B 19 9.62 -7.42 7.90
CA THR B 19 9.83 -6.59 9.07
C THR B 19 8.81 -6.85 10.17
N ASN B 20 9.00 -6.19 11.31
CA ASN B 20 8.08 -6.28 12.43
C ASN B 20 7.57 -4.87 12.80
N GLY B 21 7.79 -3.92 11.89
CA GLY B 21 7.34 -2.55 12.07
C GLY B 21 8.29 -1.66 12.84
N ILE B 22 7.74 -0.59 13.40
CA ILE B 22 8.52 0.33 14.21
C ILE B 22 8.03 0.14 15.64
N LYS B 23 8.94 0.22 16.60
CA LYS B 23 8.59 0.02 17.99
C LYS B 23 7.43 0.87 18.47
N PHE B 24 6.55 0.20 19.23
CA PHE B 24 5.39 0.77 19.87
C PHE B 24 4.36 1.40 18.94
N LYS B 25 4.23 0.79 17.76
CA LYS B 25 3.27 1.24 16.76
C LYS B 25 1.85 0.94 17.27
N ILE B 26 0.87 1.71 16.81
CA ILE B 26 -0.51 1.51 17.21
C ILE B 26 -0.99 0.17 16.68
N HIS B 27 -1.73 -0.56 17.51
CA HIS B 27 -2.26 -1.88 17.17
C HIS B 27 -2.89 -1.93 15.79
N GLY B 28 -2.24 -2.61 14.86
CA GLY B 28 -2.78 -2.75 13.52
C GLY B 28 -2.09 -1.93 12.47
N ARG B 29 -1.06 -1.21 12.87
CA ARG B 29 -0.32 -0.37 11.94
C ARG B 29 0.46 -1.20 10.90
N VAL B 30 0.44 -0.72 9.65
CA VAL B 30 1.15 -1.36 8.54
C VAL B 30 1.87 -0.25 7.79
N GLY B 31 3.18 -0.40 7.59
CA GLY B 31 3.95 0.61 6.89
C GLY B 31 4.28 0.35 5.42
N ASP B 32 5.39 0.91 4.98
CA ASP B 32 5.86 0.80 3.59
C ASP B 32 6.34 -0.57 3.13
N SER B 33 6.95 -1.32 4.05
CA SER B 33 7.50 -2.63 3.76
C SER B 33 6.71 -3.57 2.85
N PRO B 34 5.43 -3.87 3.19
CA PRO B 34 4.61 -4.77 2.36
C PRO B 34 3.96 -4.12 1.13
N ILE B 35 4.04 -2.81 1.03
CA ILE B 35 3.43 -2.07 -0.05
C ILE B 35 4.29 -2.04 -1.30
N PRO B 36 3.85 -2.71 -2.39
CA PRO B 36 4.62 -2.72 -3.63
C PRO B 36 4.88 -1.26 -4.08
N GLY B 37 6.05 -1.00 -4.62
CA GLY B 37 6.33 0.36 -5.04
C GLY B 37 6.90 1.24 -3.94
N ALA B 38 6.61 0.92 -2.68
CA ALA B 38 7.12 1.70 -1.55
C ALA B 38 8.25 0.95 -0.85
N GLY B 39 7.93 -0.17 -0.22
CA GLY B 39 8.93 -0.97 0.48
C GLY B 39 9.89 -1.65 -0.47
N ALA B 40 9.40 -2.04 -1.63
CA ALA B 40 10.22 -2.68 -2.66
C ALA B 40 9.42 -2.73 -3.95
N TYR B 41 10.13 -2.75 -5.08
CA TYR B 41 9.51 -2.81 -6.42
C TYR B 41 10.56 -3.38 -7.37
N ALA B 42 10.14 -4.19 -8.31
CA ALA B 42 11.08 -4.79 -9.25
C ALA B 42 10.48 -4.93 -10.64
N ASP B 43 11.23 -4.56 -11.68
CA ASP B 43 10.76 -4.66 -13.06
C ASP B 43 11.89 -5.14 -13.96
N ASP B 44 11.63 -6.18 -14.72
CA ASP B 44 12.62 -6.76 -15.62
C ASP B 44 13.11 -5.84 -16.73
N THR B 45 12.35 -4.80 -17.03
CA THR B 45 12.71 -3.84 -18.07
C THR B 45 13.48 -2.64 -17.55
N ALA B 46 13.81 -2.61 -16.26
CA ALA B 46 14.48 -1.44 -15.72
C ALA B 46 15.38 -1.74 -14.54
N GLY B 47 14.84 -2.42 -13.55
CA GLY B 47 15.62 -2.75 -12.36
C GLY B 47 14.78 -2.90 -11.11
N ALA B 48 15.42 -2.80 -9.95
CA ALA B 48 14.71 -2.95 -8.69
C ALA B 48 15.25 -2.00 -7.64
N ALA B 49 14.55 -1.96 -6.50
CA ALA B 49 14.91 -1.10 -5.38
C ALA B 49 14.08 -1.43 -4.13
N ALA B 50 14.73 -1.36 -2.98
CA ALA B 50 14.09 -1.65 -1.70
C ALA B 50 14.38 -0.47 -0.79
N ALA B 51 13.56 -0.30 0.25
CA ALA B 51 13.71 0.80 1.19
C ALA B 51 13.60 0.40 2.65
N THR B 52 14.28 1.16 3.49
CA THR B 52 14.27 0.91 4.92
C THR B 52 14.29 2.28 5.58
N GLY B 53 13.64 2.39 6.73
CA GLY B 53 13.57 3.65 7.45
C GLY B 53 12.15 3.86 7.97
N ASN B 54 11.78 5.10 8.20
CA ASN B 54 10.45 5.39 8.70
C ASN B 54 9.37 5.20 7.65
N GLY B 55 8.69 4.06 7.72
CA GLY B 55 7.64 3.73 6.78
C GLY B 55 6.45 4.66 6.64
N ASP B 56 6.16 5.45 7.68
CA ASP B 56 5.02 6.38 7.67
C ASP B 56 5.27 7.55 6.70
N ILE B 57 6.52 8.00 6.61
CA ILE B 57 6.87 9.09 5.69
C ILE B 57 7.16 8.54 4.31
N LEU B 58 7.96 7.47 4.25
CA LEU B 58 8.38 6.83 3.00
C LEU B 58 7.23 6.37 2.12
N MET B 59 6.28 5.69 2.73
CA MET B 59 5.13 5.14 2.05
C MET B 59 4.39 6.15 1.17
N ARG B 60 4.50 7.43 1.52
CA ARG B 60 3.79 8.48 0.79
C ARG B 60 4.56 8.99 -0.42
N PHE B 61 5.84 8.60 -0.52
CA PHE B 61 6.69 9.04 -1.61
C PHE B 61 7.10 7.92 -2.56
N LEU B 62 6.60 6.70 -2.30
CA LEU B 62 6.90 5.52 -3.12
C LEU B 62 8.34 5.52 -3.62
N PRO B 63 9.31 5.55 -2.69
CA PRO B 63 10.73 5.56 -3.04
C PRO B 63 11.22 4.46 -3.98
N SER B 64 10.83 3.21 -3.71
CA SER B 64 11.27 2.09 -4.53
C SER B 64 10.77 2.19 -5.96
N TYR B 65 9.54 2.64 -6.13
CA TYR B 65 8.96 2.82 -7.46
C TYR B 65 9.70 3.92 -8.24
N GLN B 66 9.80 5.09 -7.62
CA GLN B 66 10.45 6.22 -8.26
C GLN B 66 11.90 5.97 -8.60
N ALA B 67 12.60 5.20 -7.75
CA ALA B 67 14.01 4.87 -7.97
C ALA B 67 14.12 4.11 -9.27
N VAL B 68 13.17 3.20 -9.47
CA VAL B 68 13.07 2.36 -10.65
C VAL B 68 12.71 3.16 -11.91
N GLU B 69 11.88 4.19 -11.76
CA GLU B 69 11.47 5.04 -12.89
C GLU B 69 12.64 5.85 -13.42
N TYR B 70 13.50 6.30 -12.51
CA TYR B 70 14.69 7.04 -12.89
C TYR B 70 15.58 6.10 -13.69
N MET B 71 15.84 4.94 -13.11
CA MET B 71 16.67 3.93 -13.75
C MET B 71 16.09 3.51 -15.09
N ARG B 72 14.76 3.63 -15.22
CA ARG B 72 14.06 3.29 -16.45
C ARG B 72 14.40 4.27 -17.57
N ARG B 73 15.05 5.37 -17.19
CA ARG B 73 15.51 6.40 -18.12
C ARG B 73 16.95 6.04 -18.44
N GLY B 74 17.57 5.28 -17.55
CA GLY B 74 18.96 4.91 -17.72
C GLY B 74 19.82 5.61 -16.67
N GLU B 75 19.15 6.22 -15.69
CA GLU B 75 19.84 6.89 -14.60
C GLU B 75 20.70 5.87 -13.86
N ASP B 76 21.86 6.29 -13.39
CA ASP B 76 22.75 5.42 -12.65
C ASP B 76 22.08 5.15 -11.32
N PRO B 77 22.15 3.89 -10.81
CA PRO B 77 21.54 3.50 -9.53
C PRO B 77 21.82 4.44 -8.35
N THR B 78 23.08 4.79 -8.13
CA THR B 78 23.41 5.70 -7.04
C THR B 78 22.62 7.01 -7.18
N ILE B 79 22.49 7.49 -8.41
CA ILE B 79 21.75 8.73 -8.65
C ILE B 79 20.23 8.60 -8.53
N ALA B 80 19.66 7.53 -9.06
CA ALA B 80 18.22 7.33 -8.98
C ALA B 80 17.88 7.26 -7.48
N CYS B 81 18.64 6.47 -6.74
CA CYS B 81 18.45 6.37 -5.30
C CYS B 81 18.66 7.73 -4.62
N GLN B 82 19.69 8.47 -5.04
CA GLN B 82 19.98 9.80 -4.49
C GLN B 82 18.91 10.84 -4.77
N LYS B 83 18.35 10.82 -5.97
CA LYS B 83 17.30 11.78 -6.35
C LYS B 83 16.04 11.58 -5.52
N VAL B 84 15.71 10.30 -5.29
CA VAL B 84 14.55 9.89 -4.50
C VAL B 84 14.64 10.45 -3.07
N ILE B 85 15.80 10.25 -2.45
CA ILE B 85 16.05 10.70 -1.08
C ILE B 85 15.85 12.20 -0.99
N SER B 86 16.27 12.90 -2.04
CA SER B 86 16.17 14.36 -2.12
C SER B 86 14.74 14.88 -2.24
N ARG B 87 13.88 14.13 -2.93
CA ARG B 87 12.48 14.56 -3.10
C ARG B 87 11.79 14.61 -1.77
N ILE B 88 12.09 13.60 -0.96
CA ILE B 88 11.53 13.44 0.37
C ILE B 88 12.13 14.49 1.29
N GLN B 89 13.45 14.64 1.19
CA GLN B 89 14.27 15.57 1.95
C GLN B 89 13.70 16.98 1.98
N LYS B 90 13.11 17.40 0.86
CA LYS B 90 12.53 18.73 0.77
C LYS B 90 11.38 18.87 1.77
N HIS B 91 10.49 17.89 1.73
CA HIS B 91 9.29 17.85 2.57
C HIS B 91 9.50 17.54 4.04
N PHE B 92 10.47 16.69 4.34
CA PHE B 92 10.73 16.30 5.71
C PHE B 92 12.24 16.24 5.85
N PRO B 93 12.86 17.39 6.11
CA PRO B 93 14.32 17.51 6.28
C PRO B 93 14.95 16.51 7.24
N GLU B 94 14.18 16.05 8.23
CA GLU B 94 14.68 15.11 9.22
C GLU B 94 14.24 13.64 9.08
N PHE B 95 13.83 13.22 7.89
CA PHE B 95 13.36 11.85 7.70
C PHE B 95 14.43 10.75 7.74
N PHE B 96 14.09 9.63 8.37
CA PHE B 96 14.99 8.51 8.45
C PHE B 96 14.65 7.62 7.28
N GLY B 97 15.59 7.42 6.37
CA GLY B 97 15.30 6.58 5.22
C GLY B 97 16.54 6.26 4.43
N ALA B 98 16.57 5.03 3.93
CA ALA B 98 17.68 4.52 3.12
C ALA B 98 17.12 3.62 2.04
N VAL B 99 17.70 3.71 0.85
CA VAL B 99 17.28 2.89 -0.27
C VAL B 99 18.47 2.32 -1.05
N ILE B 100 18.28 1.10 -1.57
CA ILE B 100 19.29 0.43 -2.40
C ILE B 100 18.68 0.28 -3.81
N CYS B 101 19.45 0.61 -4.84
CA CYS B 101 19.01 0.53 -6.23
C CYS B 101 19.94 -0.36 -7.03
N ALA B 102 19.42 -0.95 -8.10
CA ALA B 102 20.20 -1.81 -8.98
C ALA B 102 19.47 -1.87 -10.31
N ASN B 103 20.19 -1.59 -11.41
CA ASN B 103 19.56 -1.64 -12.74
C ASN B 103 19.70 -3.03 -13.34
N VAL B 104 19.07 -3.22 -14.49
CA VAL B 104 19.06 -4.51 -15.17
C VAL B 104 20.39 -5.15 -15.56
N THR B 105 21.49 -4.41 -15.44
CA THR B 105 22.79 -4.96 -15.83
C THR B 105 23.65 -5.46 -14.68
N GLY B 106 23.24 -5.12 -13.47
CA GLY B 106 23.98 -5.54 -12.30
C GLY B 106 24.65 -4.40 -11.58
N SER B 107 24.35 -3.17 -12.00
CA SER B 107 24.92 -1.98 -11.35
C SER B 107 24.08 -1.66 -10.12
N TYR B 108 24.74 -1.44 -8.98
CA TYR B 108 24.03 -1.13 -7.74
C TYR B 108 24.44 0.21 -7.12
N GLY B 109 23.74 0.61 -6.07
CA GLY B 109 24.02 1.87 -5.41
C GLY B 109 23.08 2.02 -4.24
N ALA B 110 23.24 3.07 -3.46
CA ALA B 110 22.38 3.26 -2.32
C ALA B 110 22.46 4.70 -1.91
N ALA B 111 21.50 5.14 -1.10
CA ALA B 111 21.46 6.53 -0.68
C ALA B 111 20.71 6.66 0.65
N CYS B 112 21.02 7.71 1.42
CA CYS B 112 20.36 7.92 2.69
C CYS B 112 20.33 9.37 3.12
N ASN B 113 19.26 9.78 3.82
CA ASN B 113 19.14 11.15 4.31
C ASN B 113 20.09 11.28 5.48
N LYS B 114 20.85 12.38 5.52
CA LYS B 114 21.81 12.59 6.59
C LYS B 114 21.23 13.26 7.82
N LEU B 115 21.18 12.50 8.90
CA LEU B 115 20.70 13.01 10.17
C LEU B 115 21.93 12.93 11.05
N SER B 116 21.97 13.74 12.09
CA SER B 116 23.11 13.72 13.01
C SER B 116 23.25 12.38 13.73
N THR B 117 22.24 11.53 13.60
CA THR B 117 22.23 10.20 14.21
C THR B 117 22.15 9.09 13.14
N PHE B 118 22.48 9.45 11.90
CA PHE B 118 22.45 8.52 10.78
C PHE B 118 23.25 9.26 9.73
N THR B 119 24.50 8.86 9.57
CA THR B 119 25.41 9.52 8.64
C THR B 119 25.92 8.61 7.56
N GLN B 120 25.88 7.31 7.82
CA GLN B 120 26.34 6.34 6.84
C GLN B 120 25.47 5.08 6.78
N PHE B 121 25.26 4.55 5.58
CA PHE B 121 24.42 3.36 5.37
C PHE B 121 25.26 2.18 4.87
N SER B 122 25.18 1.06 5.56
CA SER B 122 25.92 -0.13 5.16
C SER B 122 24.97 -1.15 4.57
N PHE B 123 25.32 -1.71 3.43
CA PHE B 123 24.48 -2.71 2.79
C PHE B 123 25.35 -3.80 2.24
N MET B 124 24.82 -5.01 2.20
CA MET B 124 25.58 -6.14 1.70
C MET B 124 25.45 -6.27 0.21
N VAL B 125 26.48 -6.83 -0.42
CA VAL B 125 26.54 -7.06 -1.86
C VAL B 125 27.10 -8.44 -2.16
N TYR B 126 26.56 -9.09 -3.18
CA TYR B 126 27.03 -10.40 -3.59
C TYR B 126 26.89 -10.61 -5.08
N ASN B 127 28.04 -10.70 -5.75
CA ASN B 127 28.11 -10.93 -7.19
C ASN B 127 29.40 -11.69 -7.51
N SER B 128 29.49 -12.22 -8.72
CA SER B 128 30.65 -13.02 -9.16
C SER B 128 32.04 -12.49 -8.81
N GLU B 129 32.48 -11.41 -9.47
CA GLU B 129 33.80 -10.79 -9.26
C GLU B 129 34.34 -11.00 -7.86
N LYS B 130 33.58 -10.53 -6.87
CA LYS B 130 33.96 -10.64 -5.46
C LYS B 130 33.69 -12.04 -4.94
N ASN B 131 32.49 -12.52 -5.27
CA ASN B 131 31.97 -13.77 -4.74
C ASN B 131 31.82 -13.27 -3.30
N GLN B 132 32.16 -14.06 -2.27
CA GLN B 132 32.09 -13.60 -0.85
C GLN B 132 31.23 -12.32 -0.60
N PRO B 133 30.15 -12.43 0.18
CA PRO B 133 29.34 -11.22 0.41
C PRO B 133 30.18 -10.04 0.92
N THR B 134 30.10 -8.93 0.22
CA THR B 134 30.87 -7.73 0.59
C THR B 134 29.98 -6.68 1.21
N GLU B 135 30.44 -6.06 2.30
CA GLU B 135 29.66 -5.01 2.94
C GLU B 135 30.00 -3.63 2.39
N GLU B 136 29.07 -3.04 1.66
CA GLU B 136 29.26 -1.71 1.10
C GLU B 136 28.85 -0.67 2.15
N LYS B 137 28.98 0.60 1.78
CA LYS B 137 28.66 1.74 2.64
C LYS B 137 28.56 3.02 1.81
N VAL B 138 27.67 3.92 2.21
CA VAL B 138 27.51 5.20 1.52
C VAL B 138 27.31 6.27 2.58
N ASP B 139 27.83 7.46 2.30
CA ASP B 139 27.69 8.57 3.21
C ASP B 139 26.36 9.22 2.85
N CYS B 140 25.57 9.51 3.88
CA CYS B 140 24.25 10.10 3.67
C CYS B 140 24.35 11.53 3.16
N ILE B 141 23.34 11.95 2.40
CA ILE B 141 23.31 13.29 1.83
C ILE B 141 22.29 14.19 2.50
N SER C 2 -11.09 25.53 -15.56
CA SER C 2 -9.89 26.13 -14.92
C SER C 2 -10.13 26.98 -13.66
N PRO C 3 -11.34 27.51 -13.47
CA PRO C 3 -11.51 28.28 -12.24
C PRO C 3 -11.82 27.32 -11.09
N LEU C 4 -11.44 27.71 -9.88
CA LEU C 4 -11.63 26.90 -8.68
C LEU C 4 -12.85 27.33 -7.87
N PRO C 5 -13.30 26.48 -6.94
CA PRO C 5 -12.78 25.17 -6.57
C PRO C 5 -13.15 24.09 -7.58
N LEU C 6 -12.53 22.92 -7.46
CA LEU C 6 -12.80 21.83 -8.37
C LEU C 6 -13.01 20.51 -7.67
N VAL C 7 -14.14 19.87 -7.97
CA VAL C 7 -14.45 18.55 -7.42
C VAL C 7 -14.63 17.60 -8.59
N VAL C 8 -13.81 16.56 -8.63
CA VAL C 8 -13.90 15.55 -9.68
C VAL C 8 -13.94 14.20 -8.95
N ASN C 9 -14.85 13.31 -9.36
CA ASN C 9 -14.93 11.99 -8.73
C ASN C 9 -15.21 10.91 -9.75
N THR C 10 -14.86 9.68 -9.43
CA THR C 10 -15.09 8.58 -10.37
C THR C 10 -16.57 8.21 -10.35
N TRP C 11 -17.07 7.85 -11.52
CA TRP C 11 -18.45 7.42 -11.70
C TRP C 11 -19.50 8.53 -11.63
N PRO C 12 -20.64 8.28 -12.26
CA PRO C 12 -21.75 9.22 -12.29
C PRO C 12 -22.48 9.27 -10.95
N PHE C 13 -21.75 9.53 -9.85
CA PHE C 13 -22.32 9.59 -8.50
C PHE C 13 -22.68 11.03 -8.08
N LYS C 14 -23.64 11.61 -8.80
CA LYS C 14 -24.13 12.98 -8.60
C LYS C 14 -24.21 13.46 -7.16
N ASN C 15 -24.81 12.64 -6.29
CA ASN C 15 -24.94 13.02 -4.89
C ASN C 15 -23.62 13.23 -4.13
N ALA C 16 -22.60 12.45 -4.46
CA ALA C 16 -21.31 12.59 -3.79
C ALA C 16 -20.69 13.88 -4.21
N THR C 17 -20.83 14.19 -5.50
CA THR C 17 -20.31 15.42 -6.07
C THR C 17 -20.99 16.58 -5.39
N GLU C 18 -22.29 16.41 -5.17
CA GLU C 18 -23.12 17.43 -4.55
C GLU C 18 -22.68 17.65 -3.10
N ALA C 19 -22.52 16.56 -2.37
CA ALA C 19 -22.10 16.60 -0.97
C ALA C 19 -20.78 17.29 -0.75
N ALA C 20 -19.82 17.03 -1.63
CA ALA C 20 -18.48 17.60 -1.52
C ALA C 20 -18.46 19.10 -1.81
N TRP C 21 -19.22 19.49 -2.84
CA TRP C 21 -19.30 20.88 -3.24
C TRP C 21 -19.92 21.72 -2.15
N ARG C 22 -20.90 21.15 -1.45
CA ARG C 22 -21.58 21.84 -0.35
C ARG C 22 -20.62 22.12 0.82
N ALA C 23 -19.67 21.22 1.03
CA ALA C 23 -18.69 21.38 2.09
C ALA C 23 -17.92 22.67 1.82
N LEU C 24 -17.31 22.73 0.64
CA LEU C 24 -16.54 23.88 0.21
C LEU C 24 -17.33 25.19 0.33
N ALA C 25 -18.58 25.15 -0.09
CA ALA C 25 -19.43 26.32 -0.03
C ALA C 25 -19.53 26.83 1.41
N SER C 26 -19.75 25.91 2.35
CA SER C 26 -19.86 26.23 3.76
C SER C 26 -18.57 26.70 4.39
N GLY C 27 -17.52 26.80 3.59
CA GLY C 27 -16.24 27.24 4.13
C GLY C 27 -15.32 26.07 4.40
N GLY C 28 -15.81 24.87 4.09
CA GLY C 28 -15.03 23.67 4.30
C GLY C 28 -13.78 23.63 3.43
N SER C 29 -12.88 22.71 3.76
CA SER C 29 -11.62 22.52 3.07
C SER C 29 -11.70 21.33 2.14
N ALA C 30 -10.67 21.16 1.33
CA ALA C 30 -10.60 20.04 0.40
C ALA C 30 -10.83 18.74 1.16
N LEU C 31 -10.17 18.62 2.32
CA LEU C 31 -10.30 17.44 3.18
C LEU C 31 -11.74 17.18 3.59
N ASP C 32 -12.43 18.22 4.04
CA ASP C 32 -13.83 18.09 4.44
C ASP C 32 -14.69 17.74 3.23
N ALA C 33 -14.33 18.32 2.09
CA ALA C 33 -15.03 18.13 0.83
C ALA C 33 -14.93 16.69 0.37
N VAL C 34 -13.72 16.13 0.44
CA VAL C 34 -13.46 14.76 0.02
C VAL C 34 -14.08 13.77 1.01
N GLU C 35 -14.11 14.15 2.27
CA GLU C 35 -14.68 13.26 3.28
C GLU C 35 -16.19 13.22 3.13
N SER C 36 -16.79 14.36 2.76
CA SER C 36 -18.25 14.45 2.59
C SER C 36 -18.69 13.70 1.34
N GLY C 37 -17.87 13.77 0.30
CA GLY C 37 -18.20 13.10 -0.93
C GLY C 37 -18.25 11.61 -0.76
N CYS C 38 -17.19 11.05 -0.19
CA CYS C 38 -17.08 9.62 0.02
C CYS C 38 -17.95 9.09 1.13
N ALA C 39 -18.16 9.88 2.17
CA ALA C 39 -19.00 9.45 3.28
C ALA C 39 -20.44 9.33 2.76
N MET C 40 -20.76 10.16 1.78
CA MET C 40 -22.08 10.15 1.20
C MET C 40 -22.30 8.83 0.44
N CYS C 41 -21.29 8.39 -0.32
CA CYS C 41 -21.40 7.14 -1.07
C CYS C 41 -21.38 5.87 -0.21
N GLU C 42 -21.08 6.03 1.08
CA GLU C 42 -21.08 4.94 2.04
C GLU C 42 -22.51 4.77 2.59
N ARG C 43 -23.22 5.89 2.78
CA ARG C 43 -24.61 5.86 3.24
C ARG C 43 -25.49 5.34 2.10
N GLU C 44 -25.25 5.87 0.91
CA GLU C 44 -26.02 5.49 -0.25
C GLU C 44 -25.63 4.15 -0.83
N GLN C 45 -24.45 3.66 -0.47
CA GLN C 45 -23.95 2.37 -0.96
C GLN C 45 -23.87 2.44 -2.49
N CYS C 46 -23.31 3.54 -3.02
CA CYS C 46 -23.18 3.73 -4.47
C CYS C 46 -22.75 2.50 -5.28
N ASP C 47 -23.73 1.89 -5.94
CA ASP C 47 -23.51 0.70 -6.79
C ASP C 47 -23.26 -0.54 -5.98
N GLY C 48 -23.19 -0.42 -4.66
CA GLY C 48 -22.91 -1.57 -3.84
C GLY C 48 -21.46 -1.90 -4.03
N SER C 49 -20.67 -0.89 -4.40
CA SER C 49 -19.24 -1.05 -4.60
C SER C 49 -18.54 -0.20 -3.56
N VAL C 50 -19.36 0.55 -2.83
CA VAL C 50 -18.90 1.44 -1.78
C VAL C 50 -19.85 1.23 -0.59
N GLY C 51 -19.30 1.36 0.62
CA GLY C 51 -20.08 1.18 1.84
C GLY C 51 -20.42 -0.24 2.24
N PHE C 52 -21.26 -0.37 3.25
CA PHE C 52 -21.69 -1.65 3.77
C PHE C 52 -22.63 -2.37 2.85
N GLY C 53 -22.98 -3.59 3.25
CA GLY C 53 -23.92 -4.43 2.52
C GLY C 53 -23.67 -4.61 1.04
N GLY C 54 -22.43 -4.91 0.68
CA GLY C 54 -22.07 -5.14 -0.70
C GLY C 54 -20.75 -5.86 -0.76
N SER C 55 -20.43 -6.44 -1.92
CA SER C 55 -19.17 -7.17 -2.13
C SER C 55 -18.69 -7.94 -0.90
N PRO C 56 -19.42 -9.01 -0.52
CA PRO C 56 -19.03 -9.81 0.64
C PRO C 56 -17.85 -10.68 0.26
N ASP C 57 -16.96 -10.96 1.20
CA ASP C 57 -15.84 -11.80 0.86
C ASP C 57 -16.29 -13.23 0.82
N GLU C 58 -15.35 -14.17 0.92
CA GLU C 58 -15.65 -15.59 0.88
C GLU C 58 -16.44 -16.09 2.08
N LEU C 59 -16.25 -15.43 3.23
CA LEU C 59 -16.96 -15.77 4.45
C LEU C 59 -18.24 -14.95 4.61
N GLY C 60 -18.61 -14.19 3.57
CA GLY C 60 -19.82 -13.37 3.62
C GLY C 60 -19.75 -11.99 4.28
N GLU C 61 -18.60 -11.68 4.88
CA GLU C 61 -18.40 -10.40 5.54
C GLU C 61 -17.93 -9.30 4.59
N THR C 62 -18.43 -8.09 4.79
CA THR C 62 -18.02 -6.95 3.98
C THR C 62 -16.90 -6.26 4.75
N THR C 63 -15.84 -5.86 4.06
CA THR C 63 -14.75 -5.15 4.73
C THR C 63 -14.46 -3.92 3.86
N LEU C 64 -14.27 -2.77 4.50
CA LEU C 64 -14.06 -1.53 3.79
C LEU C 64 -12.64 -0.97 3.74
N ASP C 65 -12.26 -0.49 2.56
CA ASP C 65 -10.97 0.12 2.32
C ASP C 65 -11.24 1.60 2.05
N ALA C 66 -10.47 2.48 2.67
CA ALA C 66 -10.67 3.91 2.47
C ALA C 66 -9.38 4.66 2.73
N MET C 67 -9.25 5.85 2.15
CA MET C 67 -8.07 6.68 2.35
C MET C 67 -8.37 8.13 2.08
N ILE C 68 -7.62 9.00 2.75
CA ILE C 68 -7.76 10.43 2.58
C ILE C 68 -6.34 10.94 2.50
N MET C 69 -6.11 11.92 1.63
CA MET C 69 -4.78 12.45 1.49
C MET C 69 -4.77 13.95 1.30
N ASP C 70 -4.00 14.61 2.14
CA ASP C 70 -3.81 16.05 2.12
C ASP C 70 -2.63 16.34 1.17
N GLY C 71 -2.88 17.09 0.12
CA GLY C 71 -1.83 17.42 -0.84
C GLY C 71 -0.88 18.49 -0.35
N THR C 72 -1.27 19.21 0.70
CA THR C 72 -0.45 20.28 1.27
C THR C 72 0.70 19.70 2.10
N THR C 73 0.33 18.96 3.13
CA THR C 73 1.30 18.35 4.04
C THR C 73 1.74 17.00 3.47
N MET C 74 0.91 16.45 2.59
CA MET C 74 1.15 15.17 1.96
C MET C 74 1.12 14.08 3.00
N ASP C 75 0.16 14.21 3.90
CA ASP C 75 -0.07 13.27 4.99
C ASP C 75 -1.25 12.40 4.56
N VAL C 76 -1.32 11.19 5.07
CA VAL C 76 -2.41 10.31 4.68
C VAL C 76 -3.03 9.62 5.87
N GLY C 77 -4.32 9.33 5.76
CA GLY C 77 -5.03 8.63 6.80
C GLY C 77 -5.71 7.53 6.00
N ALA C 78 -5.47 6.27 6.36
CA ALA C 78 -6.06 5.17 5.61
C ALA C 78 -6.47 3.97 6.44
N VAL C 79 -7.42 3.20 5.94
CA VAL C 79 -7.88 2.00 6.61
C VAL C 79 -8.07 0.90 5.58
N GLY C 80 -7.71 -0.32 5.96
CA GLY C 80 -7.85 -1.46 5.10
C GLY C 80 -8.43 -2.57 5.94
N ASP C 81 -9.35 -3.34 5.37
CA ASP C 81 -10.01 -4.45 6.08
C ASP C 81 -10.66 -3.91 7.38
N LEU C 82 -11.21 -2.70 7.27
CA LEU C 82 -11.89 -2.07 8.36
C LEU C 82 -13.09 -2.95 8.64
N ARG C 83 -13.14 -3.57 9.81
CA ARG C 83 -14.24 -4.46 10.12
C ARG C 83 -15.27 -3.87 11.07
N ARG C 84 -16.55 -4.08 10.75
CA ARG C 84 -17.67 -3.62 11.58
C ARG C 84 -17.80 -2.11 11.88
N ILE C 85 -17.42 -1.27 10.92
CA ILE C 85 -17.51 0.18 11.03
C ILE C 85 -17.99 0.63 9.65
N LYS C 86 -19.09 1.36 9.59
CA LYS C 86 -19.64 1.83 8.31
C LYS C 86 -18.98 3.04 7.68
N ASN C 87 -18.58 4.02 8.49
CA ASN C 87 -17.98 5.25 7.97
C ASN C 87 -16.47 5.11 7.82
N ALA C 88 -16.07 4.36 6.80
CA ALA C 88 -14.67 4.11 6.51
C ALA C 88 -13.86 5.39 6.39
N ILE C 89 -14.23 6.26 5.44
CA ILE C 89 -13.50 7.53 5.24
C ILE C 89 -13.46 8.41 6.51
N GLY C 90 -14.39 8.16 7.44
CA GLY C 90 -14.39 8.92 8.67
C GLY C 90 -13.23 8.47 9.55
N VAL C 91 -13.02 7.16 9.59
CA VAL C 91 -11.96 6.57 10.39
C VAL C 91 -10.59 6.87 9.81
N ALA C 92 -10.50 6.95 8.48
CA ALA C 92 -9.25 7.25 7.79
C ALA C 92 -8.80 8.67 8.10
N ARG C 93 -9.77 9.57 8.13
CA ARG C 93 -9.51 10.96 8.43
C ARG C 93 -8.93 11.05 9.86
N LYS C 94 -9.37 10.16 10.75
CA LYS C 94 -8.86 10.15 12.12
C LYS C 94 -7.41 9.69 12.18
N VAL C 95 -7.07 8.62 11.45
CA VAL C 95 -5.70 8.11 11.42
C VAL C 95 -4.76 9.22 10.95
N LEU C 96 -5.28 10.12 10.11
CA LEU C 96 -4.53 11.25 9.58
C LEU C 96 -4.33 12.35 10.63
N GLU C 97 -5.37 12.60 11.42
CA GLU C 97 -5.34 13.64 12.45
C GLU C 97 -4.97 13.27 13.88
N HIS C 98 -4.97 11.99 14.22
CA HIS C 98 -4.64 11.58 15.59
C HIS C 98 -3.48 10.63 15.67
N THR C 99 -2.82 10.39 14.55
CA THR C 99 -1.69 9.48 14.53
C THR C 99 -0.67 9.98 13.54
N THR C 100 0.57 9.52 13.68
CA THR C 100 1.62 9.88 12.74
C THR C 100 1.78 8.73 11.73
N HIS C 101 0.93 7.71 11.86
CA HIS C 101 0.93 6.55 10.99
C HIS C 101 0.20 6.87 9.71
N THR C 102 0.12 5.91 8.80
CA THR C 102 -0.55 6.12 7.53
C THR C 102 -1.64 5.10 7.34
N LEU C 103 -1.35 3.85 7.67
CA LEU C 103 -2.31 2.77 7.46
C LEU C 103 -2.55 1.87 8.66
N LEU C 104 -3.83 1.69 8.99
CA LEU C 104 -4.27 0.86 10.11
C LEU C 104 -5.24 -0.13 9.47
N VAL C 105 -5.07 -1.43 9.73
CA VAL C 105 -5.91 -2.45 9.11
C VAL C 105 -6.58 -3.49 10.02
N GLY C 106 -7.53 -4.22 9.43
CA GLY C 106 -8.25 -5.28 10.12
C GLY C 106 -9.09 -4.98 11.36
N GLU C 107 -9.19 -5.99 12.22
CA GLU C 107 -9.92 -5.91 13.49
C GLU C 107 -9.20 -5.05 14.49
N SER C 108 -7.96 -4.72 14.17
CA SER C 108 -7.15 -3.86 15.02
C SER C 108 -7.59 -2.42 14.73
N ALA C 109 -7.93 -2.16 13.47
CA ALA C 109 -8.38 -0.84 13.03
C ALA C 109 -9.77 -0.52 13.58
N THR C 110 -10.55 -1.56 13.88
CA THR C 110 -11.89 -1.43 14.45
C THR C 110 -11.81 -0.88 15.87
N THR C 111 -10.86 -1.40 16.62
CA THR C 111 -10.62 -0.96 17.97
C THR C 111 -10.41 0.53 17.92
N PHE C 112 -9.48 0.95 17.06
CA PHE C 112 -9.14 2.35 16.87
C PHE C 112 -10.39 3.19 16.64
N ALA C 113 -11.23 2.77 15.70
CA ALA C 113 -12.46 3.49 15.37
C ALA C 113 -13.40 3.58 16.57
N GLN C 114 -13.43 2.55 17.41
CA GLN C 114 -14.29 2.59 18.59
C GLN C 114 -13.72 3.63 19.54
N SER C 115 -12.39 3.67 19.66
CA SER C 115 -11.74 4.65 20.51
C SER C 115 -12.06 6.06 20.03
N MET C 116 -12.25 6.22 18.73
CA MET C 116 -12.56 7.53 18.16
C MET C 116 -14.04 7.87 18.22
N GLY C 117 -14.87 6.90 18.57
CA GLY C 117 -16.29 7.19 18.68
C GLY C 117 -17.14 6.66 17.57
N PHE C 118 -16.68 5.62 16.90
CA PHE C 118 -17.44 5.01 15.82
C PHE C 118 -18.25 3.84 16.36
N ILE C 119 -19.51 3.76 15.96
CA ILE C 119 -20.36 2.67 16.43
C ILE C 119 -19.99 1.34 15.79
N ASN C 120 -19.60 0.41 16.64
CA ASN C 120 -19.25 -0.92 16.21
C ASN C 120 -20.54 -1.66 15.82
N GLU C 121 -20.69 -1.93 14.53
CA GLU C 121 -21.87 -2.63 14.04
C GLU C 121 -21.66 -3.55 12.85
N ASP C 122 -22.64 -4.42 12.63
CA ASP C 122 -22.63 -5.37 11.54
C ASP C 122 -22.82 -4.70 10.20
N LEU C 123 -21.93 -5.00 9.25
CA LEU C 123 -21.99 -4.42 7.90
C LEU C 123 -22.77 -5.28 6.90
N SER C 124 -23.30 -6.42 7.37
CA SER C 124 -24.09 -7.36 6.56
C SER C 124 -25.50 -6.85 6.39
N THR C 125 -26.14 -7.31 5.33
CA THR C 125 -27.53 -6.97 5.02
C THR C 125 -28.09 -8.21 4.35
N SER C 126 -29.38 -8.47 4.52
CA SER C 126 -30.00 -9.63 3.90
C SER C 126 -29.62 -9.72 2.42
N ALA C 127 -29.41 -8.57 1.77
CA ALA C 127 -29.03 -8.53 0.36
C ALA C 127 -27.67 -9.19 0.14
N SER C 128 -26.65 -8.73 0.87
CA SER C 128 -25.31 -9.28 0.74
C SER C 128 -25.30 -10.68 1.31
N GLN C 129 -26.16 -10.92 2.30
CA GLN C 129 -26.21 -12.22 2.92
C GLN C 129 -26.61 -13.25 1.87
N ALA C 130 -27.57 -12.88 1.03
CA ALA C 130 -28.07 -13.76 -0.03
C ALA C 130 -27.12 -13.79 -1.23
N LEU C 131 -26.51 -12.65 -1.52
CA LEU C 131 -25.57 -12.54 -2.62
C LEU C 131 -24.45 -13.57 -2.43
N HIS C 132 -24.19 -13.89 -1.17
CA HIS C 132 -23.16 -14.85 -0.80
C HIS C 132 -23.61 -16.32 -0.89
N SER C 133 -24.87 -16.58 -0.57
CA SER C 133 -25.42 -17.94 -0.64
C SER C 133 -25.61 -18.34 -2.11
N ASP C 134 -26.02 -17.40 -2.95
CA ASP C 134 -26.16 -17.70 -4.36
C ASP C 134 -24.77 -18.07 -4.84
N TRP C 135 -23.78 -17.33 -4.37
CA TRP C 135 -22.38 -17.56 -4.74
C TRP C 135 -21.92 -18.97 -4.32
N LEU C 136 -22.20 -19.36 -3.09
CA LEU C 136 -21.84 -20.69 -2.59
C LEU C 136 -22.53 -21.83 -3.33
N ALA C 137 -23.77 -21.60 -3.73
CA ALA C 137 -24.56 -22.63 -4.43
C ALA C 137 -24.04 -22.85 -5.84
N ARG C 138 -23.35 -21.84 -6.37
CA ARG C 138 -22.76 -21.90 -7.70
C ARG C 138 -21.36 -22.50 -7.57
N ASN C 139 -21.08 -23.13 -6.44
CA ASN C 139 -19.77 -23.72 -6.19
C ASN C 139 -18.65 -22.66 -6.12
N CYS C 140 -18.99 -21.53 -5.49
CA CYS C 140 -18.03 -20.46 -5.31
C CYS C 140 -17.44 -19.92 -6.61
N GLN C 141 -18.29 -19.53 -7.54
CA GLN C 141 -17.79 -18.99 -8.80
C GLN C 141 -18.28 -17.57 -8.97
N PRO C 142 -17.37 -16.63 -9.22
CA PRO C 142 -15.93 -16.79 -9.36
C PRO C 142 -15.22 -16.53 -8.03
N ASN C 143 -13.98 -16.94 -7.98
CA ASN C 143 -13.16 -16.73 -6.79
C ASN C 143 -11.79 -16.34 -7.30
N TYR C 144 -10.89 -15.97 -6.40
CA TYR C 144 -9.55 -15.52 -6.79
C TYR C 144 -8.39 -16.42 -6.40
N TRP C 145 -8.63 -17.72 -6.34
CA TRP C 145 -7.57 -18.66 -6.00
C TRP C 145 -6.90 -19.19 -7.26
N ARG C 146 -5.79 -19.88 -7.08
CA ARG C 146 -5.08 -20.49 -8.18
C ARG C 146 -4.00 -21.47 -7.70
N ASN C 147 -3.69 -22.45 -8.55
CA ASN C 147 -2.68 -23.47 -8.23
C ASN C 147 -2.97 -24.19 -6.91
N VAL C 148 -4.23 -24.63 -6.74
CA VAL C 148 -4.64 -25.36 -5.54
C VAL C 148 -5.70 -26.41 -5.88
N ILE C 149 -6.04 -27.23 -4.88
CA ILE C 149 -7.08 -28.25 -5.01
C ILE C 149 -8.06 -28.08 -3.85
N PRO C 150 -9.36 -28.33 -4.09
CA PRO C 150 -9.90 -28.73 -5.39
C PRO C 150 -9.81 -27.58 -6.38
N ASP C 151 -9.96 -27.91 -7.66
CA ASP C 151 -9.86 -26.95 -8.74
C ASP C 151 -10.81 -25.77 -8.53
N PRO C 152 -10.23 -24.57 -8.37
CA PRO C 152 -10.90 -23.28 -8.14
C PRO C 152 -11.88 -22.96 -9.26
N SER C 153 -11.62 -23.46 -10.45
CA SER C 153 -12.50 -23.20 -11.59
C SER C 153 -13.79 -23.99 -11.53
N LYS C 154 -13.88 -24.92 -10.58
CA LYS C 154 -15.07 -25.74 -10.45
C LYS C 154 -15.65 -25.94 -9.06
N TYR C 155 -14.82 -25.96 -8.02
CA TYR C 155 -15.35 -26.20 -6.68
C TYR C 155 -15.08 -25.10 -5.65
N CYS C 156 -15.78 -25.21 -4.52
CA CYS C 156 -15.63 -24.30 -3.39
C CYS C 156 -14.43 -24.78 -2.59
N GLY C 157 -14.00 -23.98 -1.62
CA GLY C 157 -12.87 -24.34 -0.78
C GLY C 157 -13.33 -25.32 0.29
N PRO C 158 -12.54 -25.60 1.34
CA PRO C 158 -11.20 -25.07 1.65
C PRO C 158 -10.18 -25.54 0.64
N TYR C 159 -9.32 -24.62 0.22
CA TYR C 159 -8.30 -24.91 -0.75
C TYR C 159 -6.99 -25.32 -0.10
N LYS C 160 -6.05 -25.76 -0.92
CA LYS C 160 -4.78 -26.19 -0.40
C LYS C 160 -3.84 -26.50 -1.55
N PRO C 161 -2.53 -26.27 -1.34
CA PRO C 161 -1.55 -26.54 -2.40
C PRO C 161 -1.45 -28.04 -2.62
N PRO C 162 -1.43 -28.47 -3.89
CA PRO C 162 -1.34 -29.89 -4.24
C PRO C 162 -0.08 -30.59 -3.72
N THR D 1 -16.07 1.44 -5.92
CA THR D 1 -15.10 2.43 -5.36
C THR D 1 -15.42 3.83 -5.82
N ILE D 2 -15.28 4.79 -4.90
CA ILE D 2 -15.46 6.20 -5.21
C ILE D 2 -14.08 6.85 -4.97
N GLY D 3 -13.50 7.40 -6.05
CA GLY D 3 -12.21 8.06 -5.97
C GLY D 3 -12.54 9.52 -6.17
N MET D 4 -12.05 10.39 -5.29
CA MET D 4 -12.36 11.81 -5.41
C MET D 4 -11.15 12.71 -5.34
N VAL D 5 -11.22 13.78 -6.13
CA VAL D 5 -10.19 14.80 -6.25
C VAL D 5 -10.83 16.16 -5.98
N VAL D 6 -10.18 16.99 -5.17
CA VAL D 6 -10.72 18.29 -4.81
C VAL D 6 -9.62 19.34 -4.67
N ILE D 7 -9.81 20.47 -5.33
CA ILE D 7 -8.87 21.58 -5.30
C ILE D 7 -9.61 22.75 -4.69
N HIS D 8 -9.20 23.16 -3.50
CA HIS D 8 -9.80 24.27 -2.77
C HIS D 8 -9.65 25.58 -3.52
N LYS D 9 -10.49 26.57 -3.18
CA LYS D 9 -10.41 27.88 -3.81
C LYS D 9 -8.99 28.46 -3.65
N THR D 10 -8.36 28.16 -2.53
CA THR D 10 -7.03 28.65 -2.22
C THR D 10 -5.92 27.87 -2.92
N GLY D 11 -6.29 26.87 -3.71
CA GLY D 11 -5.29 26.05 -4.39
C GLY D 11 -4.82 24.80 -3.68
N HIS D 12 -5.41 24.45 -2.55
CA HIS D 12 -4.99 23.25 -1.84
C HIS D 12 -5.73 22.04 -2.43
N ILE D 13 -5.04 20.90 -2.53
CA ILE D 13 -5.62 19.70 -3.13
C ILE D 13 -5.74 18.54 -2.16
N ALA D 14 -6.74 17.68 -2.38
CA ALA D 14 -6.97 16.52 -1.55
C ALA D 14 -7.52 15.42 -2.42
N ALA D 15 -7.24 14.18 -2.06
CA ALA D 15 -7.72 13.04 -2.82
C ALA D 15 -8.10 11.97 -1.83
N GLY D 16 -9.12 11.18 -2.17
CA GLY D 16 -9.55 10.13 -1.27
C GLY D 16 -10.40 9.08 -1.93
N THR D 17 -10.55 7.94 -1.27
CA THR D 17 -11.35 6.85 -1.79
C THR D 17 -12.01 6.09 -0.66
N SER D 18 -13.10 5.43 -1.01
CA SER D 18 -13.85 4.62 -0.07
C SER D 18 -14.49 3.54 -0.92
N THR D 19 -14.25 2.29 -0.54
CA THR D 19 -14.78 1.14 -1.26
C THR D 19 -15.00 -0.12 -0.41
N ASN D 20 -15.81 -1.03 -0.93
CA ASN D 20 -16.07 -2.28 -0.23
C ASN D 20 -15.26 -3.40 -0.89
N GLY D 21 -14.43 -3.01 -1.85
CA GLY D 21 -13.55 -3.93 -2.57
C GLY D 21 -14.14 -4.63 -3.78
N ILE D 22 -13.53 -5.75 -4.16
CA ILE D 22 -14.01 -6.53 -5.30
C ILE D 22 -14.86 -7.66 -4.75
N LYS D 23 -15.85 -8.07 -5.53
CA LYS D 23 -16.78 -9.13 -5.13
C LYS D 23 -16.16 -10.47 -4.87
N PHE D 24 -16.52 -11.07 -3.74
CA PHE D 24 -16.03 -12.40 -3.37
C PHE D 24 -14.53 -12.47 -3.12
N LYS D 25 -13.97 -11.37 -2.61
CA LYS D 25 -12.55 -11.31 -2.29
C LYS D 25 -12.22 -12.30 -1.20
N ILE D 26 -10.97 -12.74 -1.17
CA ILE D 26 -10.53 -13.66 -0.16
C ILE D 26 -10.56 -12.86 1.13
N HIS D 27 -11.06 -13.48 2.19
CA HIS D 27 -11.17 -12.86 3.50
C HIS D 27 -9.84 -12.25 3.99
N GLY D 28 -9.77 -10.93 4.05
CA GLY D 28 -8.57 -10.25 4.49
C GLY D 28 -7.85 -9.46 3.41
N ARG D 29 -8.39 -9.48 2.20
CA ARG D 29 -7.80 -8.81 1.05
C ARG D 29 -7.93 -7.29 1.08
N VAL D 30 -6.82 -6.60 0.79
CA VAL D 30 -6.81 -5.15 0.75
C VAL D 30 -6.33 -4.83 -0.66
N GLY D 31 -7.10 -4.00 -1.36
CA GLY D 31 -6.75 -3.62 -2.71
C GLY D 31 -6.00 -2.31 -2.78
N ASP D 32 -6.01 -1.71 -3.96
CA ASP D 32 -5.32 -0.45 -4.25
C ASP D 32 -5.91 0.79 -3.63
N SER D 33 -7.18 0.72 -3.27
CA SER D 33 -7.87 1.86 -2.71
C SER D 33 -7.26 2.66 -1.55
N PRO D 34 -6.89 2.02 -0.43
CA PRO D 34 -6.32 2.81 0.66
C PRO D 34 -4.83 3.05 0.55
N ILE D 35 -4.25 2.59 -0.54
CA ILE D 35 -2.82 2.71 -0.79
C ILE D 35 -2.40 4.01 -1.48
N PRO D 36 -1.63 4.87 -0.78
CA PRO D 36 -1.16 6.14 -1.32
C PRO D 36 -0.33 5.91 -2.58
N GLY D 37 -0.77 6.52 -3.68
CA GLY D 37 -0.05 6.35 -4.92
C GLY D 37 -0.76 5.38 -5.82
N ALA D 38 -1.66 4.56 -5.27
CA ALA D 38 -2.41 3.58 -6.07
C ALA D 38 -3.84 4.04 -6.28
N GLY D 39 -4.62 4.05 -5.20
CA GLY D 39 -6.00 4.47 -5.26
C GLY D 39 -6.15 5.96 -5.51
N ALA D 40 -5.34 6.77 -4.82
CA ALA D 40 -5.38 8.21 -5.00
C ALA D 40 -4.09 8.85 -4.55
N TYR D 41 -3.82 10.05 -5.05
CA TYR D 41 -2.62 10.81 -4.68
C TYR D 41 -2.88 12.29 -4.87
N ALA D 42 -2.42 13.10 -3.93
CA ALA D 42 -2.62 14.55 -4.02
C ALA D 42 -1.32 15.28 -3.72
N ASP D 43 -1.00 16.28 -4.55
CA ASP D 43 0.23 17.06 -4.39
C ASP D 43 0.01 18.49 -4.86
N ASP D 44 -0.02 19.44 -3.92
CA ASP D 44 -0.23 20.85 -4.21
C ASP D 44 0.74 21.46 -5.22
N THR D 45 1.91 20.83 -5.40
CA THR D 45 2.88 21.36 -6.36
C THR D 45 2.81 20.67 -7.72
N ALA D 46 1.88 19.74 -7.88
CA ALA D 46 1.75 19.04 -9.15
C ALA D 46 0.31 18.79 -9.59
N GLY D 47 -0.47 18.13 -8.73
CA GLY D 47 -1.86 17.85 -9.05
C GLY D 47 -2.41 16.69 -8.27
N ALA D 48 -3.42 16.03 -8.80
CA ALA D 48 -4.00 14.88 -8.12
C ALA D 48 -4.60 13.91 -9.11
N ALA D 49 -4.73 12.66 -8.70
CA ALA D 49 -5.34 11.63 -9.55
C ALA D 49 -6.00 10.60 -8.65
N ALA D 50 -6.78 9.72 -9.26
CA ALA D 50 -7.48 8.68 -8.53
C ALA D 50 -7.89 7.60 -9.51
N ALA D 51 -7.61 6.34 -9.17
CA ALA D 51 -7.95 5.23 -10.03
C ALA D 51 -9.15 4.44 -9.53
N THR D 52 -9.64 3.51 -10.36
CA THR D 52 -10.78 2.68 -10.00
C THR D 52 -10.74 1.48 -10.93
N GLY D 53 -11.01 0.29 -10.38
CA GLY D 53 -10.99 -0.91 -11.19
C GLY D 53 -10.36 -2.10 -10.50
N ASN D 54 -9.86 -3.04 -11.30
CA ASN D 54 -9.24 -4.24 -10.76
C ASN D 54 -8.03 -3.82 -9.93
N GLY D 55 -8.24 -3.62 -8.64
CA GLY D 55 -7.17 -3.18 -7.76
C GLY D 55 -5.94 -4.05 -7.67
N ASP D 56 -6.11 -5.36 -7.81
CA ASP D 56 -5.00 -6.31 -7.73
C ASP D 56 -3.95 -5.94 -8.74
N ILE D 57 -4.43 -5.72 -9.97
CA ILE D 57 -3.61 -5.34 -11.11
C ILE D 57 -3.17 -3.88 -11.03
N LEU D 58 -4.11 -2.99 -10.72
CA LEU D 58 -3.84 -1.58 -10.62
C LEU D 58 -2.77 -1.21 -9.61
N MET D 59 -2.92 -1.72 -8.40
CA MET D 59 -2.00 -1.44 -7.32
C MET D 59 -0.55 -1.58 -7.67
N ARG D 60 -0.23 -2.61 -8.46
CA ARG D 60 1.15 -2.90 -8.82
C ARG D 60 1.84 -1.92 -9.76
N PHE D 61 1.08 -0.96 -10.28
CA PHE D 61 1.63 0.03 -11.21
C PHE D 61 1.52 1.50 -10.71
N LEU D 62 0.98 1.67 -9.50
CA LEU D 62 0.80 2.98 -8.88
C LEU D 62 0.30 4.07 -9.83
N PRO D 63 -0.87 3.83 -10.46
CA PRO D 63 -1.49 4.76 -11.42
C PRO D 63 -1.60 6.22 -11.01
N SER D 64 -2.06 6.47 -9.79
CA SER D 64 -2.23 7.82 -9.31
C SER D 64 -0.89 8.53 -9.10
N TYR D 65 0.10 7.81 -8.62
CA TYR D 65 1.40 8.41 -8.41
C TYR D 65 2.02 8.79 -9.75
N GLN D 66 1.83 7.96 -10.77
CA GLN D 66 2.41 8.24 -12.08
C GLN D 66 1.64 9.32 -12.86
N ALA D 67 0.35 9.46 -12.59
CA ALA D 67 -0.47 10.47 -13.23
C ALA D 67 -0.06 11.83 -12.73
N VAL D 68 0.24 11.91 -11.43
CA VAL D 68 0.68 13.15 -10.80
C VAL D 68 2.12 13.43 -11.24
N GLU D 69 2.92 12.38 -11.30
CA GLU D 69 4.31 12.49 -11.69
C GLU D 69 4.47 13.07 -13.09
N TYR D 70 3.55 12.73 -14.00
CA TYR D 70 3.59 13.26 -15.37
C TYR D 70 3.15 14.71 -15.38
N MET D 71 2.08 15.00 -14.64
CA MET D 71 1.53 16.35 -14.53
C MET D 71 2.56 17.25 -13.84
N ARG D 72 3.42 16.65 -13.05
CA ARG D 72 4.49 17.37 -12.37
C ARG D 72 5.52 17.71 -13.41
N ARG D 73 5.73 16.77 -14.35
CA ARG D 73 6.68 16.94 -15.45
C ARG D 73 6.13 17.99 -16.42
N GLY D 74 4.87 18.36 -16.23
CA GLY D 74 4.22 19.33 -17.07
C GLY D 74 3.46 18.68 -18.21
N GLU D 75 2.44 17.89 -17.89
CA GLU D 75 1.64 17.27 -18.94
C GLU D 75 0.13 17.49 -18.80
N ASP D 76 -0.55 17.58 -19.94
CA ASP D 76 -2.00 17.77 -19.96
C ASP D 76 -2.66 16.68 -19.11
N PRO D 77 -3.54 17.07 -18.16
CA PRO D 77 -4.22 16.09 -17.30
C PRO D 77 -4.73 14.85 -18.04
N THR D 78 -5.35 15.04 -19.19
CA THR D 78 -5.83 13.91 -19.96
C THR D 78 -4.67 13.06 -20.49
N ILE D 79 -3.63 13.69 -21.04
CA ILE D 79 -2.48 12.96 -21.56
C ILE D 79 -1.68 12.25 -20.47
N ALA D 80 -1.74 12.75 -19.24
CA ALA D 80 -1.04 12.11 -18.13
C ALA D 80 -1.80 10.83 -17.78
N CYS D 81 -3.12 10.95 -17.74
CA CYS D 81 -4.02 9.84 -17.45
C CYS D 81 -3.94 8.74 -18.52
N GLN D 82 -3.97 9.13 -19.79
CA GLN D 82 -3.92 8.18 -20.89
C GLN D 82 -2.62 7.42 -20.96
N LYS D 83 -1.54 8.08 -20.55
CA LYS D 83 -0.25 7.44 -20.57
C LYS D 83 -0.23 6.34 -19.51
N VAL D 84 -0.81 6.65 -18.35
CA VAL D 84 -0.88 5.71 -17.25
C VAL D 84 -1.70 4.47 -17.62
N ILE D 85 -2.78 4.64 -18.38
CA ILE D 85 -3.61 3.53 -18.80
C ILE D 85 -2.87 2.70 -19.85
N SER D 86 -2.09 3.37 -20.70
CA SER D 86 -1.34 2.71 -21.75
C SER D 86 -0.24 1.81 -21.23
N ARG D 87 0.43 2.22 -20.15
CA ARG D 87 1.51 1.44 -19.55
C ARG D 87 1.02 0.15 -18.90
N ILE D 88 -0.10 0.22 -18.20
CA ILE D 88 -0.67 -0.97 -17.56
C ILE D 88 -1.25 -1.83 -18.68
N GLN D 89 -1.89 -1.16 -19.62
CA GLN D 89 -2.51 -1.78 -20.80
C GLN D 89 -1.52 -2.72 -21.50
N LYS D 90 -0.31 -2.24 -21.70
CA LYS D 90 0.71 -3.03 -22.35
C LYS D 90 0.94 -4.33 -21.58
N HIS D 91 0.88 -4.25 -20.24
CA HIS D 91 1.08 -5.43 -19.40
C HIS D 91 -0.18 -6.27 -19.15
N PHE D 92 -1.37 -5.68 -19.26
CA PHE D 92 -2.64 -6.38 -19.04
C PHE D 92 -3.69 -5.72 -19.93
N PRO D 93 -3.78 -6.16 -21.20
CA PRO D 93 -4.70 -5.67 -22.21
C PRO D 93 -6.19 -5.74 -21.90
N GLU D 94 -6.57 -6.62 -20.98
CA GLU D 94 -7.97 -6.79 -20.61
C GLU D 94 -8.25 -6.44 -19.17
N PHE D 95 -7.43 -5.56 -18.60
CA PHE D 95 -7.63 -5.16 -17.23
C PHE D 95 -8.72 -4.09 -17.14
N PHE D 96 -9.53 -4.15 -16.09
CA PHE D 96 -10.59 -3.17 -15.87
C PHE D 96 -9.97 -2.04 -15.04
N GLY D 97 -10.03 -0.83 -15.55
CA GLY D 97 -9.44 0.29 -14.81
C GLY D 97 -9.74 1.64 -15.42
N ALA D 98 -9.87 2.65 -14.57
CA ALA D 98 -10.17 4.02 -15.00
C ALA D 98 -9.50 5.01 -14.05
N VAL D 99 -9.00 6.12 -14.57
CA VAL D 99 -8.31 7.10 -13.75
C VAL D 99 -8.79 8.51 -14.06
N ILE D 100 -8.84 9.36 -13.02
CA ILE D 100 -9.21 10.77 -13.17
C ILE D 100 -7.94 11.54 -12.83
N CYS D 101 -7.72 12.62 -13.56
CA CYS D 101 -6.53 13.44 -13.38
C CYS D 101 -6.92 14.91 -13.33
N ALA D 102 -6.11 15.71 -12.63
CA ALA D 102 -6.36 17.14 -12.52
C ALA D 102 -5.12 17.88 -12.05
N ASN D 103 -4.72 18.93 -12.77
CA ASN D 103 -3.54 19.70 -12.36
C ASN D 103 -3.86 20.86 -11.41
N VAL D 104 -2.83 21.37 -10.75
CA VAL D 104 -2.99 22.44 -9.77
C VAL D 104 -3.77 23.67 -10.18
N THR D 105 -3.98 23.88 -11.48
CA THR D 105 -4.71 25.05 -11.95
C THR D 105 -6.17 24.79 -12.27
N GLY D 106 -6.65 23.59 -11.95
CA GLY D 106 -8.05 23.28 -12.16
C GLY D 106 -8.46 22.55 -13.41
N SER D 107 -7.50 22.21 -14.27
CA SER D 107 -7.84 21.47 -15.48
C SER D 107 -7.86 20.00 -15.07
N TYR D 108 -8.72 19.22 -15.69
CA TYR D 108 -8.86 17.81 -15.33
C TYR D 108 -8.97 16.90 -16.56
N GLY D 109 -9.20 15.61 -16.33
CA GLY D 109 -9.34 14.68 -17.43
C GLY D 109 -9.34 13.25 -16.92
N ALA D 110 -9.57 12.29 -17.80
CA ALA D 110 -9.59 10.88 -17.40
C ALA D 110 -9.21 9.99 -18.57
N ALA D 111 -9.11 8.70 -18.31
CA ALA D 111 -8.76 7.72 -19.34
C ALA D 111 -9.14 6.36 -18.81
N CYS D 112 -9.37 5.40 -19.70
CA CYS D 112 -9.76 4.07 -19.27
C CYS D 112 -9.37 3.06 -20.29
N ASN D 113 -9.43 1.79 -19.90
CA ASN D 113 -9.10 0.74 -20.83
C ASN D 113 -10.34 0.31 -21.60
N LYS D 114 -10.12 0.05 -22.88
CA LYS D 114 -11.20 -0.35 -23.75
C LYS D 114 -11.36 -1.85 -23.66
N LEU D 115 -12.56 -2.25 -23.26
CA LEU D 115 -12.89 -3.65 -23.16
C LEU D 115 -14.17 -3.86 -23.96
N SER D 116 -14.46 -5.11 -24.28
CA SER D 116 -15.66 -5.44 -25.02
C SER D 116 -16.89 -4.86 -24.32
N THR D 117 -16.84 -4.84 -22.99
CA THR D 117 -17.96 -4.36 -22.17
C THR D 117 -17.74 -3.07 -21.39
N PHE D 118 -16.84 -2.20 -21.85
CA PHE D 118 -16.58 -0.94 -21.15
C PHE D 118 -15.80 -0.06 -22.12
N THR D 119 -16.53 0.80 -22.80
CA THR D 119 -15.95 1.68 -23.80
C THR D 119 -16.05 3.16 -23.41
N GLN D 120 -16.80 3.44 -22.36
CA GLN D 120 -16.96 4.81 -21.90
C GLN D 120 -16.84 4.86 -20.38
N PHE D 121 -16.21 5.92 -19.89
CA PHE D 121 -16.03 6.12 -18.46
C PHE D 121 -16.73 7.44 -18.12
N SER D 122 -17.74 7.36 -17.28
CA SER D 122 -18.46 8.54 -16.87
C SER D 122 -17.89 8.94 -15.52
N PHE D 123 -17.74 10.24 -15.28
CA PHE D 123 -17.21 10.73 -14.02
C PHE D 123 -17.82 12.11 -13.78
N MET D 124 -18.11 12.43 -12.53
CA MET D 124 -18.73 13.70 -12.19
C MET D 124 -17.77 14.85 -12.00
N VAL D 125 -18.13 16.00 -12.55
CA VAL D 125 -17.33 17.21 -12.45
C VAL D 125 -18.21 18.34 -11.97
N TYR D 126 -17.83 18.96 -10.86
CA TYR D 126 -18.58 20.08 -10.32
C TYR D 126 -17.57 21.20 -10.25
N ASN D 127 -17.92 22.31 -10.89
CA ASN D 127 -17.02 23.43 -11.02
C ASN D 127 -17.76 24.77 -11.08
N SER D 128 -17.07 25.86 -10.74
CA SER D 128 -17.67 27.20 -10.79
C SER D 128 -18.26 27.49 -12.16
N GLU D 129 -17.58 26.96 -13.18
CA GLU D 129 -17.96 27.12 -14.59
C GLU D 129 -19.45 26.84 -14.80
N LYS D 130 -19.93 25.81 -14.12
CA LYS D 130 -21.30 25.33 -14.19
C LYS D 130 -21.76 25.04 -12.77
N ASN D 131 -22.32 26.04 -12.09
CA ASN D 131 -22.78 25.82 -10.72
C ASN D 131 -23.89 24.75 -10.75
N GLN D 132 -23.45 23.51 -10.86
CA GLN D 132 -24.26 22.30 -10.95
C GLN D 132 -23.27 21.21 -11.41
N PRO D 133 -23.33 20.01 -10.82
CA PRO D 133 -22.38 18.97 -11.25
C PRO D 133 -22.81 18.43 -12.61
N THR D 134 -21.84 18.06 -13.45
CA THR D 134 -22.17 17.54 -14.76
C THR D 134 -21.36 16.29 -15.11
N GLU D 135 -22.06 15.21 -15.45
CA GLU D 135 -21.42 13.96 -15.79
C GLU D 135 -20.68 14.08 -17.11
N GLU D 136 -19.47 13.52 -17.17
CA GLU D 136 -18.65 13.55 -18.37
C GLU D 136 -18.19 12.14 -18.67
N LYS D 137 -18.04 11.84 -19.96
CA LYS D 137 -17.65 10.51 -20.41
C LYS D 137 -16.48 10.57 -21.38
N VAL D 138 -15.47 9.76 -21.15
CA VAL D 138 -14.31 9.72 -22.05
C VAL D 138 -14.29 8.35 -22.70
N ASP D 139 -14.01 8.33 -24.00
CA ASP D 139 -13.94 7.04 -24.67
C ASP D 139 -12.70 6.32 -24.19
N CYS D 140 -12.80 5.00 -24.03
CA CYS D 140 -11.65 4.24 -23.56
C CYS D 140 -10.62 4.00 -24.66
N ILE D 141 -9.39 3.72 -24.27
CA ILE D 141 -8.28 3.48 -25.19
C ILE D 141 -7.66 2.09 -25.03
C1 NAG E . -3.13 22.48 -16.57
C2 NAG E . -1.86 23.32 -16.89
C3 NAG E . -2.21 24.42 -17.86
C4 NAG E . -2.83 23.78 -19.15
C5 NAG E . -3.98 22.79 -18.85
C6 NAG E . -4.40 21.91 -20.04
C7 NAG E . -0.13 23.76 -15.15
C8 NAG E . 0.21 24.60 -13.93
N2 NAG E . -1.32 24.01 -15.69
O3 NAG E . -1.04 25.20 -18.16
O4 NAG E . -3.43 24.83 -20.00
O5 NAG E . -3.60 21.88 -17.80
O6 NAG E . -3.35 21.10 -20.57
O7 NAG E . 0.63 22.90 -15.57
C1 NAG E . -2.80 25.17 -21.28
C2 NAG E . -3.72 25.99 -22.15
C3 NAG E . -3.00 26.41 -23.47
C4 NAG E . -1.64 27.04 -23.24
C5 NAG E . -0.88 26.22 -22.12
C6 NAG E . 0.39 26.74 -21.50
C7 NAG E . -5.97 25.19 -21.73
C8 NAG E . -7.04 24.22 -22.23
N2 NAG E . -4.87 25.15 -22.46
O3 NAG E . -3.74 27.39 -24.22
O4 NAG E . -1.04 26.89 -24.59
O5 NAG E . -1.72 26.01 -21.00
O6 NAG E . -0.05 27.97 -20.96
O7 NAG E . -6.08 25.91 -20.74
C1 BMA E . 0.01 27.82 -25.08
C2 BMA E . 0.90 27.21 -26.26
C3 BMA E . 1.92 28.37 -26.61
C4 BMA E . 1.03 29.65 -27.00
C5 BMA E . -0.25 29.85 -26.14
C6 BMA E . -1.28 30.78 -26.80
O2 BMA E . 0.07 26.81 -27.37
O3 BMA E . 2.91 28.00 -27.67
O4 BMA E . 1.83 30.83 -26.76
O5 BMA E . -0.91 28.59 -25.86
O6 BMA E . -0.89 32.11 -26.45
C1 NAG F . 24.55 -15.27 11.53
C2 NAG F . 25.54 -16.04 12.40
C3 NAG F . 25.30 -15.93 13.91
C4 NAG F . 25.11 -14.44 14.39
C5 NAG F . 23.93 -13.86 13.50
C6 NAG F . 23.53 -12.37 13.83
C7 NAG F . 26.16 -18.14 11.32
C8 NAG F . 25.89 -19.61 10.95
N2 NAG F . 25.31 -17.45 12.06
O3 NAG F . 26.48 -16.44 14.48
O4 NAG F . 24.88 -14.32 15.79
O5 NAG F . 24.35 -13.95 12.08
O6 NAG F . 24.46 -11.79 14.81
O7 NAG F . 27.23 -17.67 10.90
C1 NAG G . 23.45 0.40 -15.15
C2 NAG G . 23.07 0.84 -16.60
C3 NAG G . 24.37 1.02 -17.45
C4 NAG G . 25.11 2.20 -16.87
C5 NAG G . 25.50 1.90 -15.36
C6 NAG G . 25.94 3.14 -14.61
C7 NAG G . 21.22 0.22 -18.11
C8 NAG G . 20.39 -0.87 -18.71
N2 NAG G . 22.19 -0.15 -17.26
O3 NAG G . 24.20 1.18 -18.88
O4 NAG G . 26.27 2.43 -17.70
O5 NAG G . 24.38 1.37 -14.56
O6 NAG G . 24.89 4.09 -14.74
O7 NAG G . 20.99 1.39 -18.41
N ASP H . 10.19 0.65 7.08
CA ASP H . 9.88 -0.13 8.29
C ASP H . 8.51 0.25 8.78
O ASP H . 7.62 -0.63 8.73
CB ASP H . 10.93 0.15 9.36
CG ASP H . 12.35 0.08 8.83
OD1 ASP H . 12.54 -0.39 7.68
OD2 ASP H . 13.26 0.50 9.56
OXT ASP H . 8.33 1.43 9.17
C1 NAG I . -28.93 10.77 -5.73
C2 NAG I . -29.24 9.26 -5.95
C3 NAG I . -29.70 8.63 -4.71
C4 NAG I . -30.60 9.61 -3.90
C5 NAG I . -31.18 10.91 -4.66
C6 NAG I . -31.64 12.12 -3.75
C7 NAG I . -30.09 8.70 -8.18
C8 NAG I . -31.34 8.51 -9.05
N2 NAG I . -30.33 9.05 -6.91
O3 NAG I . -28.53 8.31 -3.95
O4 NAG I . -31.72 8.89 -3.51
O5 NAG I . -30.19 11.49 -5.50
O6 NAG I . -31.92 11.78 -2.38
O7 NAG I . -28.96 8.57 -8.64
N ASP J . -10.50 -0.45 -6.69
CA ASP J . -11.52 -1.36 -6.11
C ASP J . -10.80 -2.54 -5.48
O ASP J . -10.80 -2.61 -4.24
CB ASP J . -12.48 -1.85 -7.19
CG ASP J . -13.24 -0.71 -7.84
OD1 ASP J . -12.64 0.37 -8.07
OD2 ASP J . -14.46 -0.88 -8.14
OXT ASP J . -10.21 -3.32 -6.24
#